data_3JQ9
#
_entry.id   3JQ9
#
_cell.length_a   74.253
_cell.length_b   89.201
_cell.length_c   84.569
_cell.angle_alpha   90.000
_cell.angle_beta   115.690
_cell.angle_gamma   90.000
#
_symmetry.space_group_name_H-M   'P 1 21 1'
#
loop_
_entity.id
_entity.type
_entity.pdbx_description
1 polymer 'Pteridine reductase 1'
2 polymer 'Pteridine reductase 1'
3 non-polymer 'NADP NICOTINAMIDE-ADENINE-DINUCLEOTIDE PHOSPHATE'
4 non-polymer 2-amino-6-(1,3-benzodioxol-5-yl)-4-oxo-4,7-dihydro-3H-pyrrolo[2,3-d]pyrimidine-5-carbonitrile
5 water water
#
loop_
_entity_poly.entity_id
_entity_poly.type
_entity_poly.pdbx_seq_one_letter_code
_entity_poly.pdbx_strand_id
1 'polypeptide(L)'
;MGSSHHHHHHSSGLVPRGSHMEAPAAVVTGAAKRIGRAIAVKLHQTGYRVVIHYHNSAEAAVSLADELNKERSNTAVVCQ
ADLTNSNVLPASCEEIINSCFRAFGRCDVLVNNASAFYPTPLVQGDHEDNSNGKTVETQVAELIGTNAIAPFLLTMSFAQ
RQKGTNPNCTSSNLSIVNLCDAMVDQPCMAFSLYNMGKHALVGLTQSAALELAPYGIRVNGVAPGVSLLPVAMGEEEKDK
WRRKVPLGRREASAEQIADAVIFLVSGSAQYITGSIIKVDGGLSLVHA
;
A,B
2 'polypeptide(L)'
;MGSSHHHHHHSSGLVPRGSHMEAPAAVVTGAAKRIGRAIAVKLHQTGYRVVIHYHNSAEAAVSLADELNKERSNTAVVCQ
ADLTNSNVLPASCEEIINSCFRAFGRCDVLVNNASAFYPTPLVQGDHEDNSNGKTVETQVAELIGTNAIAPFLLTMSFAQ
RQKGTNPNCTSSNLSIVNLCDAMVDQP(CSX)MAFSLYNMGKHALVGLTQSAALELAPYGIRVNGVAPGVSLLPVAMGEE
EKDKWRRKVPLGRREASAEQIADAVIFLVSGSAQYITGSIIKVDGGLSLVHA
;
C,D
#
loop_
_chem_comp.id
_chem_comp.type
_chem_comp.name
_chem_comp.formula
AX1 non-polymer 2-amino-6-(1,3-benzodioxol-5-yl)-4-oxo-4,7-dihydro-3H-pyrrolo[2,3-d]pyrimidine-5-carbonitrile 'C14 H9 N5 O3'
NAP non-polymer 'NADP NICOTINAMIDE-ADENINE-DINUCLEOTIDE PHOSPHATE' 'C21 H28 N7 O17 P3'
#
# COMPACT_ATOMS: atom_id res chain seq x y z
N GLU A 22 -6.21 41.29 -1.46
CA GLU A 22 -4.96 40.88 -2.19
C GLU A 22 -5.05 39.43 -2.68
N ALA A 23 -4.68 39.21 -3.93
CA ALA A 23 -4.75 37.88 -4.55
C ALA A 23 -3.55 37.00 -4.17
N PRO A 24 -3.80 35.70 -3.93
CA PRO A 24 -2.75 34.75 -3.59
C PRO A 24 -1.87 34.36 -4.77
N ALA A 25 -0.66 33.91 -4.49
CA ALA A 25 0.32 33.55 -5.51
C ALA A 25 0.71 32.07 -5.46
N ALA A 26 1.06 31.51 -6.62
CA ALA A 26 1.44 30.10 -6.72
C ALA A 26 2.65 29.85 -7.62
N VAL A 27 3.52 28.94 -7.19
CA VAL A 27 4.64 28.48 -8.01
C VAL A 27 4.27 27.15 -8.67
N VAL A 28 4.54 27.05 -9.96
CA VAL A 28 4.31 25.82 -10.73
C VAL A 28 5.54 25.54 -11.57
N THR A 29 6.27 24.46 -11.24
CA THR A 29 7.51 24.11 -11.96
C THR A 29 7.22 23.47 -13.32
N GLY A 30 8.14 23.61 -14.26
CA GLY A 30 7.97 23.11 -15.63
C GLY A 30 6.57 23.39 -16.15
N ALA A 31 6.23 24.68 -16.27
CA ALA A 31 4.85 25.09 -16.55
C ALA A 31 4.65 25.67 -17.95
N ALA A 32 5.60 25.45 -18.85
CA ALA A 32 5.56 26.05 -20.19
C ALA A 32 4.57 25.38 -21.13
N LYS A 33 4.52 24.04 -21.08
CA LYS A 33 3.66 23.24 -21.95
CA LYS A 33 3.62 23.26 -21.94
C LYS A 33 3.04 22.06 -21.21
N ARG A 34 2.15 21.33 -21.91
CA ARG A 34 1.49 20.11 -21.41
C ARG A 34 0.75 20.27 -20.07
N ILE A 35 0.95 19.33 -19.15
CA ILE A 35 0.20 19.28 -17.87
C ILE A 35 0.37 20.51 -16.98
N GLY A 36 1.62 20.87 -16.70
CA GLY A 36 1.94 22.04 -15.87
C GLY A 36 1.41 23.36 -16.38
N ARG A 37 1.19 23.45 -17.69
CA ARG A 37 0.58 24.63 -18.31
C ARG A 37 -0.91 24.73 -17.94
N ALA A 38 -1.58 23.58 -17.91
CA ALA A 38 -2.99 23.50 -17.58
C ALA A 38 -3.21 23.85 -16.10
N ILE A 39 -2.35 23.32 -15.24
CA ILE A 39 -2.41 23.64 -13.81
C ILE A 39 -2.30 25.15 -13.60
N ALA A 40 -1.32 25.75 -14.27
CA ALA A 40 -1.08 27.21 -14.21
C ALA A 40 -2.28 28.03 -14.70
N VAL A 41 -2.79 27.68 -15.89
CA VAL A 41 -3.94 28.36 -16.49
C VAL A 41 -5.16 28.23 -15.59
N LYS A 42 -5.36 27.04 -15.04
CA LYS A 42 -6.49 26.77 -14.14
C LYS A 42 -6.36 27.53 -12.82
N LEU A 43 -5.18 27.48 -12.22
CA LEU A 43 -4.87 28.27 -11.02
C LEU A 43 -5.05 29.76 -11.26
N HIS A 44 -4.78 30.19 -12.50
CA HIS A 44 -4.94 31.58 -12.88
C HIS A 44 -6.42 31.97 -12.94
N GLN A 45 -7.22 31.14 -13.62
CA GLN A 45 -8.67 31.34 -13.71
C GLN A 45 -9.34 31.32 -12.33
N THR A 46 -8.72 30.62 -11.39
CA THR A 46 -9.18 30.57 -10.01
C THR A 46 -8.96 31.91 -9.31
N GLY A 47 -7.86 32.59 -9.68
CA GLY A 47 -7.54 33.91 -9.16
C GLY A 47 -6.12 34.08 -8.66
N TYR A 48 -5.32 33.01 -8.81
CA TYR A 48 -3.93 33.02 -8.37
C TYR A 48 -3.01 33.83 -9.29
N ARG A 49 -2.01 34.45 -8.69
CA ARG A 49 -0.89 35.03 -9.42
C ARG A 49 0.20 33.96 -9.53
N VAL A 50 0.65 33.67 -10.74
CA VAL A 50 1.50 32.50 -10.97
C VAL A 50 2.93 32.82 -11.43
N VAL A 51 3.87 31.97 -11.02
CA VAL A 51 5.24 31.99 -11.51
C VAL A 51 5.42 30.79 -12.43
N ILE A 52 5.60 31.07 -13.72
CA ILE A 52 5.78 30.02 -14.72
C ILE A 52 7.25 29.61 -14.76
N HIS A 53 7.59 28.52 -14.07
CA HIS A 53 8.95 27.99 -14.16
C HIS A 53 9.11 27.19 -15.45
N TYR A 54 10.31 27.24 -16.03
CA TYR A 54 10.63 26.42 -17.19
C TYR A 54 12.12 26.08 -17.17
N HIS A 55 12.54 25.22 -18.10
CA HIS A 55 13.95 24.87 -18.25
C HIS A 55 14.49 25.23 -19.65
N ASN A 56 13.86 24.68 -20.68
CA ASN A 56 14.31 24.90 -22.06
C ASN A 56 13.28 25.53 -22.99
N SER A 57 12.01 25.46 -22.61
CA SER A 57 10.95 26.06 -23.40
C SER A 57 10.75 27.52 -23.01
N ALA A 58 11.63 28.37 -23.54
CA ALA A 58 11.64 29.80 -23.23
C ALA A 58 10.49 30.55 -23.91
N GLU A 59 10.35 30.34 -25.22
CA GLU A 59 9.25 30.94 -26.00
C GLU A 59 7.89 30.51 -25.47
N ALA A 60 7.76 29.25 -25.09
CA ALA A 60 6.51 28.71 -24.56
C ALA A 60 6.12 29.32 -23.21
N ALA A 61 7.09 29.47 -22.31
CA ALA A 61 6.86 30.08 -21.01
C ALA A 61 6.54 31.57 -21.10
N VAL A 62 7.27 32.29 -21.96
CA VAL A 62 7.09 33.72 -22.13
C VAL A 62 5.74 34.01 -22.81
N SER A 63 5.39 33.20 -23.81
CA SER A 63 4.13 33.31 -24.55
C SER A 63 2.92 33.13 -23.64
N LEU A 64 3.04 32.22 -22.67
CA LEU A 64 1.98 31.94 -21.69
C LEU A 64 1.79 33.13 -20.74
N ALA A 65 2.90 33.64 -20.20
CA ALA A 65 2.89 34.83 -19.35
C ALA A 65 2.14 36.00 -20.01
N ASP A 66 2.35 36.17 -21.32
CA ASP A 66 1.70 37.21 -22.11
C ASP A 66 0.19 37.03 -22.15
N GLU A 67 -0.28 35.81 -22.39
CA GLU A 67 -1.71 35.50 -22.45
C GLU A 67 -2.38 35.67 -21.09
N LEU A 68 -1.68 35.29 -20.03
CA LEU A 68 -2.20 35.42 -18.68
C LEU A 68 -2.21 36.87 -18.21
N ASN A 69 -1.22 37.63 -18.66
CA ASN A 69 -1.14 39.05 -18.33
C ASN A 69 -2.12 39.92 -19.10
N LYS A 70 -2.37 39.56 -20.36
CA LYS A 70 -3.39 40.23 -21.18
C LYS A 70 -4.79 40.11 -20.57
N GLU A 71 -4.98 39.08 -19.76
CA GLU A 71 -6.24 38.85 -19.05
C GLU A 71 -6.31 39.68 -17.75
N ARG A 72 -5.33 39.46 -16.87
CA ARG A 72 -5.17 40.32 -15.69
C ARG A 72 -3.73 40.81 -15.65
N SER A 73 -3.58 42.13 -15.58
CA SER A 73 -2.26 42.75 -15.54
CA SER A 73 -2.27 42.76 -15.54
C SER A 73 -1.56 42.44 -14.23
N ASN A 74 -0.26 42.17 -14.32
CA ASN A 74 0.61 41.90 -13.15
C ASN A 74 0.28 40.63 -12.36
N THR A 75 0.06 39.53 -13.09
CA THR A 75 -0.28 38.26 -12.45
C THR A 75 0.63 37.09 -12.85
N ALA A 76 1.37 37.24 -13.95
CA ALA A 76 2.22 36.17 -14.46
C ALA A 76 3.65 36.60 -14.76
N VAL A 77 4.61 35.87 -14.19
CA VAL A 77 6.04 36.06 -14.43
C VAL A 77 6.70 34.73 -14.79
N VAL A 78 7.95 34.76 -15.26
CA VAL A 78 8.68 33.53 -15.58
C VAL A 78 9.98 33.38 -14.79
N CYS A 79 10.44 32.13 -14.67
CA CYS A 79 11.65 31.83 -13.93
C CYS A 79 12.36 30.59 -14.47
N GLN A 80 13.45 30.80 -15.19
CA GLN A 80 14.21 29.69 -15.76
C GLN A 80 15.13 29.08 -14.72
N ALA A 81 15.11 27.75 -14.61
CA ALA A 81 16.06 27.02 -13.77
C ALA A 81 16.21 25.57 -14.23
N ASP A 82 17.43 25.06 -14.09
CA ASP A 82 17.72 23.64 -14.24
C ASP A 82 17.61 22.98 -12.87
N LEU A 83 16.78 21.95 -12.78
CA LEU A 83 16.49 21.33 -11.49
C LEU A 83 17.25 20.00 -11.29
N THR A 84 18.06 19.67 -12.29
CA THR A 84 19.03 18.57 -12.23
C THR A 84 19.91 18.71 -10.99
N ASN A 85 20.13 17.61 -10.29
CA ASN A 85 20.84 17.63 -9.00
C ASN A 85 22.32 17.98 -9.11
N SER A 86 22.73 18.95 -8.31
CA SER A 86 24.14 19.38 -8.16
C SER A 86 24.29 20.17 -6.86
N ASN A 87 25.51 20.63 -6.60
CA ASN A 87 25.83 21.40 -5.39
CA ASN A 87 25.81 21.39 -5.37
C ASN A 87 25.19 22.78 -5.36
N VAL A 88 24.76 23.25 -6.53
CA VAL A 88 24.12 24.56 -6.68
C VAL A 88 22.60 24.47 -6.86
N LEU A 89 22.04 23.27 -6.67
CA LEU A 89 20.59 23.08 -6.71
C LEU A 89 19.85 23.76 -5.54
N PRO A 90 20.33 23.61 -4.28
CA PRO A 90 19.63 24.26 -3.18
C PRO A 90 19.34 25.75 -3.40
N ALA A 91 20.36 26.51 -3.78
CA ALA A 91 20.25 27.94 -4.11
C ALA A 91 19.34 28.23 -5.31
N SER A 92 19.38 27.37 -6.33
CA SER A 92 18.45 27.48 -7.44
C SER A 92 16.99 27.43 -6.97
N CYS A 93 16.64 26.39 -6.22
CA CYS A 93 15.29 26.21 -5.67
C CYS A 93 14.88 27.35 -4.73
N GLU A 94 15.85 27.87 -3.97
CA GLU A 94 15.61 29.05 -3.15
C GLU A 94 15.26 30.28 -3.99
N GLU A 95 15.87 30.39 -5.16
CA GLU A 95 15.62 31.52 -6.06
C GLU A 95 14.25 31.49 -6.71
N ILE A 96 13.75 30.29 -7.02
CA ILE A 96 12.39 30.11 -7.58
C ILE A 96 11.34 30.55 -6.56
N ILE A 97 11.53 30.14 -5.31
CA ILE A 97 10.66 30.57 -4.23
C ILE A 97 10.74 32.08 -4.06
N ASN A 98 11.96 32.61 -4.13
CA ASN A 98 12.22 34.05 -4.08
C ASN A 98 11.49 34.84 -5.17
N SER A 99 11.55 34.35 -6.42
CA SER A 99 10.85 34.97 -7.56
C SER A 99 9.41 35.34 -7.24
N CYS A 100 8.70 34.41 -6.63
CA CYS A 100 7.31 34.59 -6.25
C CYS A 100 7.18 35.71 -5.21
N PHE A 101 8.03 35.67 -4.19
CA PHE A 101 8.01 36.66 -3.10
C PHE A 101 8.40 38.07 -3.58
N ARG A 102 9.24 38.13 -4.61
CA ARG A 102 9.70 39.42 -5.13
C ARG A 102 8.66 40.07 -6.05
N ALA A 103 8.02 39.25 -6.88
CA ALA A 103 7.02 39.74 -7.81
C ALA A 103 5.66 39.96 -7.12
N PHE A 104 5.34 39.16 -6.11
CA PHE A 104 4.01 39.16 -5.53
C PHE A 104 3.95 39.47 -4.02
N GLY A 105 5.08 39.40 -3.34
CA GLY A 105 5.12 39.68 -1.90
C GLY A 105 4.50 38.60 -1.04
N ARG A 106 4.24 37.44 -1.64
CA ARG A 106 3.65 36.28 -0.93
C ARG A 106 3.81 35.00 -1.76
N CYS A 107 3.71 33.86 -1.08
CA CYS A 107 3.72 32.56 -1.73
C CYS A 107 2.83 31.57 -0.98
N ASP A 108 1.75 31.16 -1.63
CA ASP A 108 0.70 30.40 -0.98
C ASP A 108 0.69 28.92 -1.36
N VAL A 109 1.05 28.63 -2.61
CA VAL A 109 0.91 27.30 -3.20
C VAL A 109 2.13 26.91 -4.02
N LEU A 110 2.60 25.69 -3.82
CA LEU A 110 3.72 25.14 -4.59
C LEU A 110 3.29 23.87 -5.32
N VAL A 111 3.51 23.84 -6.64
CA VAL A 111 3.17 22.67 -7.43
C VAL A 111 4.44 22.08 -8.05
N ASN A 112 4.86 20.94 -7.52
CA ASN A 112 6.03 20.25 -8.04
C ASN A 112 5.65 19.41 -9.26
N ASN A 113 5.92 19.95 -10.45
CA ASN A 113 5.47 19.36 -11.71
C ASN A 113 6.60 18.92 -12.65
N ALA A 114 7.69 19.69 -12.69
CA ALA A 114 8.81 19.39 -13.58
C ALA A 114 9.34 17.97 -13.36
N SER A 115 9.61 17.25 -14.46
CA SER A 115 10.05 15.86 -14.38
C SER A 115 10.78 15.34 -15.61
N ALA A 116 12.00 14.84 -15.40
CA ALA A 116 12.71 14.08 -16.43
C ALA A 116 12.13 12.67 -16.50
N PHE A 117 11.95 12.17 -17.72
CA PHE A 117 11.32 10.87 -17.96
C PHE A 117 11.93 10.14 -19.16
N TYR A 118 12.81 9.17 -18.88
CA TYR A 118 13.46 8.34 -19.91
C TYR A 118 14.09 7.07 -19.33
N PRO A 119 14.33 6.06 -20.17
CA PRO A 119 14.85 4.77 -19.70
C PRO A 119 16.26 4.80 -19.11
N THR A 120 16.47 3.98 -18.08
CA THR A 120 17.78 3.81 -17.45
C THR A 120 18.06 2.32 -17.22
N PRO A 121 18.25 1.54 -18.31
CA PRO A 121 18.35 0.10 -18.18
C PRO A 121 19.48 -0.31 -17.26
N LEU A 122 19.26 -1.33 -16.43
CA LEU A 122 20.28 -1.82 -15.52
C LEU A 122 21.37 -2.61 -16.26
N VAL A 123 21.09 -2.93 -17.53
CA VAL A 123 22.00 -3.68 -18.38
C VAL A 123 22.03 -3.13 -19.81
N GLY A 133 23.63 8.26 -24.96
CA GLY A 133 24.40 9.50 -24.85
C GLY A 133 24.83 9.82 -23.43
N LYS A 134 23.86 10.04 -22.55
CA LYS A 134 24.11 10.44 -21.16
C LYS A 134 24.80 9.34 -20.36
N THR A 135 25.73 9.75 -19.52
CA THR A 135 26.40 8.83 -18.60
C THR A 135 25.48 8.53 -17.42
N VAL A 136 25.81 7.48 -16.66
CA VAL A 136 24.96 7.03 -15.57
C VAL A 136 24.77 8.09 -14.46
N GLU A 137 25.85 8.77 -14.07
CA GLU A 137 25.77 9.76 -13.00
C GLU A 137 24.99 11.00 -13.41
N THR A 138 24.91 11.24 -14.72
CA THR A 138 24.08 12.32 -15.27
C THR A 138 22.61 11.89 -15.25
N GLN A 139 22.39 10.59 -15.46
CA GLN A 139 21.05 10.02 -15.42
C GLN A 139 20.47 10.00 -14.00
N VAL A 140 21.31 9.64 -13.03
CA VAL A 140 20.93 9.75 -11.61
C VAL A 140 20.53 11.18 -11.28
N ALA A 141 21.36 12.13 -11.71
CA ALA A 141 21.22 13.55 -11.37
C ALA A 141 19.91 14.17 -11.86
N GLU A 142 19.52 13.85 -13.10
CA GLU A 142 18.32 14.39 -13.72
C GLU A 142 17.03 13.81 -13.11
N LEU A 143 16.88 12.49 -13.16
CA LEU A 143 15.65 11.83 -12.73
C LEU A 143 15.40 11.93 -11.22
N ILE A 144 16.45 11.72 -10.42
CA ILE A 144 16.29 11.86 -8.97
C ILE A 144 16.09 13.33 -8.60
N GLY A 145 16.92 14.19 -9.18
CA GLY A 145 16.83 15.65 -9.02
C GLY A 145 15.47 16.27 -9.32
N THR A 146 14.98 16.09 -10.54
CA THR A 146 13.68 16.65 -10.95
C THR A 146 12.50 16.07 -10.18
N ASN A 147 12.53 14.77 -9.96
CA ASN A 147 11.39 14.08 -9.37
C ASN A 147 11.34 14.08 -7.84
N ALA A 148 12.49 14.32 -7.17
CA ALA A 148 12.54 14.20 -5.70
C ALA A 148 13.37 15.25 -4.94
N ILE A 149 14.65 15.36 -5.27
CA ILE A 149 15.55 16.25 -4.54
C ILE A 149 15.17 17.73 -4.68
N ALA A 150 14.83 18.16 -5.90
CA ALA A 150 14.32 19.52 -6.11
C ALA A 150 13.03 19.78 -5.29
N PRO A 151 11.97 18.96 -5.48
CA PRO A 151 10.79 19.06 -4.62
C PRO A 151 11.07 19.17 -3.10
N PHE A 152 12.11 18.50 -2.60
CA PHE A 152 12.44 18.59 -1.19
C PHE A 152 13.04 19.96 -0.85
N LEU A 153 13.90 20.46 -1.73
CA LEU A 153 14.56 21.75 -1.54
C LEU A 153 13.58 22.91 -1.69
N LEU A 154 12.68 22.80 -2.67
CA LEU A 154 11.63 23.81 -2.89
C LEU A 154 10.68 23.91 -1.70
N THR A 155 10.37 22.75 -1.12
CA THR A 155 9.53 22.62 0.06
C THR A 155 10.19 23.29 1.27
N MET A 156 11.46 22.96 1.49
CA MET A 156 12.27 23.59 2.54
CA MET A 156 12.24 23.57 2.56
C MET A 156 12.20 25.10 2.46
N SER A 157 12.48 25.62 1.27
CA SER A 157 12.51 27.06 1.00
C SER A 157 11.13 27.67 1.11
N PHE A 158 10.11 26.93 0.68
CA PHE A 158 8.73 27.38 0.80
C PHE A 158 8.40 27.56 2.26
N ALA A 159 8.71 26.55 3.06
CA ALA A 159 8.38 26.51 4.49
C ALA A 159 9.18 27.53 5.30
N GLN A 160 10.45 27.70 4.94
CA GLN A 160 11.37 28.61 5.64
C GLN A 160 10.88 30.04 5.52
N ARG A 161 10.43 30.39 4.32
CA ARG A 161 9.92 31.73 3.98
C ARG A 161 8.62 32.14 4.68
N GLN A 162 7.93 31.18 5.28
CA GLN A 162 6.65 31.48 5.92
C GLN A 162 6.88 31.83 7.39
N SER A 172 -5.52 32.20 5.65
CA SER A 172 -4.31 31.47 5.30
C SER A 172 -4.61 30.04 4.85
N ASN A 173 -4.32 29.77 3.59
CA ASN A 173 -4.46 28.42 3.02
C ASN A 173 -3.19 28.01 2.27
N LEU A 174 -2.21 27.57 3.06
CA LEU A 174 -0.89 27.20 2.55
C LEU A 174 -0.85 25.71 2.21
N SER A 175 -0.49 25.40 0.96
CA SER A 175 -0.48 24.02 0.50
C SER A 175 0.57 23.72 -0.58
N ILE A 176 1.10 22.50 -0.54
CA ILE A 176 1.98 22.00 -1.60
C ILE A 176 1.25 20.85 -2.27
N VAL A 177 1.45 20.69 -3.57
CA VAL A 177 0.86 19.61 -4.36
C VAL A 177 1.97 18.97 -5.18
N ASN A 178 2.23 17.69 -4.96
CA ASN A 178 3.25 16.97 -5.72
C ASN A 178 2.60 16.14 -6.83
N LEU A 179 3.08 16.30 -8.06
CA LEU A 179 2.60 15.47 -9.17
C LEU A 179 3.31 14.14 -9.09
N CYS A 180 2.54 13.09 -8.84
CA CYS A 180 3.07 11.74 -8.65
C CYS A 180 2.73 10.84 -9.84
N ASP A 181 2.70 9.53 -9.57
CA ASP A 181 2.41 8.53 -10.58
C ASP A 181 1.48 7.48 -9.96
N ALA A 182 0.41 7.14 -10.68
CA ALA A 182 -0.55 6.13 -10.23
C ALA A 182 0.03 4.73 -10.38
N MET A 183 1.05 4.62 -11.23
CA MET A 183 1.64 3.34 -11.58
C MET A 183 2.97 3.10 -10.88
N VAL A 184 3.14 3.74 -9.72
CA VAL A 184 4.37 3.63 -8.93
C VAL A 184 4.73 2.20 -8.53
N ASP A 185 3.73 1.32 -8.53
CA ASP A 185 3.92 -0.06 -8.15
C ASP A 185 3.84 -1.05 -9.33
N GLN A 186 3.52 -0.53 -10.51
CA GLN A 186 3.63 -1.29 -11.75
C GLN A 186 4.40 -0.44 -12.77
N PRO A 187 5.74 -0.42 -12.63
CA PRO A 187 6.58 0.53 -13.37
C PRO A 187 6.80 0.11 -14.83
N CYS A 188 7.32 1.04 -15.63
CA CYS A 188 7.74 0.71 -16.99
C CYS A 188 9.06 -0.05 -16.93
N MET A 189 9.22 -0.99 -17.85
CA MET A 189 10.44 -1.79 -17.97
C MET A 189 11.65 -0.87 -18.22
N ALA A 190 12.70 -1.08 -17.42
CA ALA A 190 13.95 -0.31 -17.52
C ALA A 190 13.84 1.19 -17.20
N PHE A 191 12.82 1.56 -16.42
CA PHE A 191 12.67 2.92 -15.90
C PHE A 191 12.97 2.98 -14.38
N SER A 192 14.02 2.27 -13.98
CA SER A 192 14.44 2.22 -12.57
C SER A 192 14.50 3.58 -11.90
N LEU A 193 15.42 4.44 -12.36
CA LEU A 193 15.73 5.70 -11.69
C LEU A 193 14.54 6.65 -11.59
N TYR A 194 13.77 6.73 -12.66
CA TYR A 194 12.55 7.52 -12.68
C TYR A 194 11.57 7.09 -11.59
N ASN A 195 11.30 5.79 -11.53
CA ASN A 195 10.36 5.22 -10.58
C ASN A 195 10.86 5.33 -9.14
N MET A 196 12.17 5.19 -8.96
CA MET A 196 12.82 5.50 -7.69
C MET A 196 12.51 6.93 -7.24
N GLY A 197 12.43 7.83 -8.22
CA GLY A 197 12.19 9.25 -7.99
C GLY A 197 10.77 9.55 -7.55
N LYS A 198 9.79 8.97 -8.25
CA LYS A 198 8.38 9.14 -7.91
C LYS A 198 8.00 8.45 -6.60
N HIS A 199 8.74 7.40 -6.26
CA HIS A 199 8.58 6.73 -4.97
C HIS A 199 9.03 7.65 -3.84
N ALA A 200 10.25 8.16 -3.98
CA ALA A 200 10.82 9.17 -3.09
C ALA A 200 9.92 10.40 -2.98
N LEU A 201 9.24 10.73 -4.06
CA LEU A 201 8.29 11.85 -4.05
C LEU A 201 7.09 11.59 -3.13
N VAL A 202 6.61 10.35 -3.12
CA VAL A 202 5.53 9.93 -2.22
C VAL A 202 5.96 10.00 -0.75
N GLY A 203 7.22 9.69 -0.49
CA GLY A 203 7.78 9.76 0.86
C GLY A 203 8.00 11.18 1.35
N LEU A 204 8.30 12.09 0.42
CA LEU A 204 8.43 13.52 0.75
C LEU A 204 7.06 14.12 1.07
N THR A 205 6.06 13.76 0.26
CA THR A 205 4.67 14.17 0.46
C THR A 205 4.16 13.79 1.85
N GLN A 206 4.59 12.63 2.35
CA GLN A 206 4.12 12.12 3.63
C GLN A 206 4.92 12.68 4.79
N SER A 207 6.24 12.68 4.66
CA SER A 207 7.13 13.23 5.71
C SER A 207 6.95 14.74 5.89
N ALA A 208 6.81 15.46 4.77
CA ALA A 208 6.60 16.92 4.81
C ALA A 208 5.22 17.29 5.37
N ALA A 209 4.20 16.52 5.01
CA ALA A 209 2.85 16.76 5.50
C ALA A 209 2.78 16.64 7.02
N LEU A 210 3.54 15.69 7.56
CA LEU A 210 3.57 15.43 8.99
C LEU A 210 4.32 16.54 9.73
N GLU A 211 5.44 16.97 9.16
CA GLU A 211 6.29 17.99 9.76
C GLU A 211 5.71 19.39 9.64
N LEU A 212 5.13 19.71 8.49
CA LEU A 212 4.64 21.06 8.23
C LEU A 212 3.22 21.35 8.72
N ALA A 213 2.58 20.32 9.29
CA ALA A 213 1.21 20.43 9.78
C ALA A 213 1.05 21.44 10.93
N PRO A 214 2.02 21.47 11.89
CA PRO A 214 1.95 22.47 12.96
C PRO A 214 1.94 23.92 12.44
N TYR A 215 2.37 24.11 11.19
CA TYR A 215 2.45 25.43 10.59
C TYR A 215 1.22 25.79 9.77
N GLY A 216 0.42 24.79 9.44
CA GLY A 216 -0.76 24.98 8.59
C GLY A 216 -0.49 24.75 7.12
N ILE A 217 0.65 24.12 6.81
CA ILE A 217 0.98 23.78 5.43
C ILE A 217 0.60 22.33 5.14
N ARG A 218 -0.32 22.17 4.19
CA ARG A 218 -0.77 20.85 3.77
C ARG A 218 0.06 20.39 2.57
N VAL A 219 0.58 19.18 2.65
CA VAL A 219 1.31 18.59 1.52
C VAL A 219 0.52 17.39 1.00
N ASN A 220 0.17 17.44 -0.29
CA ASN A 220 -0.64 16.42 -0.95
C ASN A 220 -0.10 16.05 -2.32
N GLY A 221 -0.70 15.04 -2.95
CA GLY A 221 -0.23 14.55 -4.25
C GLY A 221 -1.33 14.35 -5.29
N VAL A 222 -0.93 14.32 -6.56
CA VAL A 222 -1.84 14.06 -7.70
C VAL A 222 -1.16 13.08 -8.66
N ALA A 223 -1.74 11.89 -8.82
CA ALA A 223 -1.09 10.80 -9.49
C ALA A 223 -1.75 10.39 -10.81
N PRO A 224 -1.33 11.00 -11.94
CA PRO A 224 -1.84 10.60 -13.26
C PRO A 224 -1.44 9.17 -13.61
N GLY A 225 -2.28 8.47 -14.36
CA GLY A 225 -1.91 7.19 -14.93
C GLY A 225 -1.33 7.46 -16.29
N VAL A 226 -2.21 7.72 -17.26
CA VAL A 226 -1.80 8.31 -18.53
C VAL A 226 -2.64 9.54 -18.84
N SER A 227 -1.97 10.70 -18.83
CA SER A 227 -2.56 11.91 -19.36
C SER A 227 -1.94 12.12 -20.75
N LEU A 228 -1.54 13.35 -21.07
CA LEU A 228 -0.89 13.61 -22.36
C LEU A 228 0.29 12.68 -22.56
N LEU A 229 0.31 11.99 -23.69
CA LEU A 229 1.36 11.02 -23.97
C LEU A 229 2.61 11.72 -24.52
N PRO A 230 3.79 11.07 -24.43
CA PRO A 230 5.01 11.70 -24.93
C PRO A 230 4.88 12.07 -26.41
N VAL A 231 5.42 13.24 -26.77
CA VAL A 231 5.31 13.78 -28.12
C VAL A 231 5.94 12.84 -29.16
N ALA A 232 6.99 12.14 -28.75
CA ALA A 232 7.75 11.25 -29.63
C ALA A 232 7.14 9.86 -29.79
N MET A 233 6.18 9.51 -28.93
CA MET A 233 5.53 8.20 -28.95
C MET A 233 4.70 8.00 -30.22
N GLY A 234 4.81 6.79 -30.80
CA GLY A 234 4.12 6.44 -32.04
C GLY A 234 2.64 6.21 -31.83
N GLU A 235 1.86 6.49 -32.87
CA GLU A 235 0.39 6.45 -32.79
C GLU A 235 -0.17 5.04 -32.59
N GLU A 236 0.60 4.03 -32.99
CA GLU A 236 0.26 2.63 -32.74
C GLU A 236 0.43 2.32 -31.25
N GLU A 237 1.53 2.81 -30.68
CA GLU A 237 1.83 2.59 -29.27
C GLU A 237 0.99 3.47 -28.35
N LYS A 238 0.57 4.63 -28.85
CA LYS A 238 -0.33 5.54 -28.13
C LYS A 238 -1.72 4.92 -27.98
N ASP A 239 -2.24 4.36 -29.06
CA ASP A 239 -3.55 3.70 -29.08
C ASP A 239 -3.56 2.45 -28.21
N LYS A 240 -2.41 1.78 -28.16
CA LYS A 240 -2.22 0.56 -27.37
C LYS A 240 -2.34 0.85 -25.87
N TRP A 241 -1.78 1.99 -25.46
CA TRP A 241 -1.89 2.45 -24.08
C TRP A 241 -3.30 2.95 -23.77
N ARG A 242 -3.96 3.51 -24.80
CA ARG A 242 -5.31 4.02 -24.66
C ARG A 242 -6.32 2.91 -24.42
N ARG A 243 -6.23 1.85 -25.22
CA ARG A 243 -7.16 0.72 -25.13
C ARG A 243 -7.04 -0.07 -23.81
N LYS A 244 -6.00 0.21 -23.02
CA LYS A 244 -5.80 -0.40 -21.70
C LYS A 244 -6.58 0.32 -20.60
N VAL A 245 -7.06 1.53 -20.89
CA VAL A 245 -7.73 2.38 -19.91
C VAL A 245 -9.20 1.99 -19.77
N PRO A 246 -9.61 1.53 -18.57
CA PRO A 246 -10.99 1.08 -18.35
C PRO A 246 -12.05 2.15 -18.61
N LEU A 247 -11.88 3.34 -18.04
CA LEU A 247 -12.88 4.39 -18.16
C LEU A 247 -12.68 5.28 -19.40
N GLY A 248 -13.25 4.84 -20.51
CA GLY A 248 -13.25 5.65 -21.74
C GLY A 248 -12.36 5.13 -22.85
N ARG A 249 -11.36 4.32 -22.48
CA ARG A 249 -10.32 3.83 -23.41
C ARG A 249 -9.48 4.97 -24.01
N ARG A 250 -9.37 6.06 -23.27
CA ARG A 250 -8.54 7.21 -23.66
C ARG A 250 -7.80 7.80 -22.47
N GLU A 251 -6.69 8.48 -22.74
CA GLU A 251 -5.89 9.15 -21.72
C GLU A 251 -6.61 10.38 -21.14
N ALA A 252 -6.08 10.89 -20.04
CA ALA A 252 -6.63 12.08 -19.40
C ALA A 252 -6.21 13.36 -20.13
N SER A 253 -7.14 14.30 -20.24
CA SER A 253 -6.80 15.64 -20.66
C SER A 253 -5.96 16.24 -19.55
N ALA A 254 -5.02 17.11 -19.91
CA ALA A 254 -4.21 17.81 -18.93
C ALA A 254 -5.09 18.57 -17.94
N GLU A 255 -6.25 19.01 -18.42
CA GLU A 255 -7.22 19.78 -17.66
C GLU A 255 -7.90 18.95 -16.58
N GLN A 256 -8.05 17.65 -16.83
CA GLN A 256 -8.57 16.72 -15.83
C GLN A 256 -7.59 16.59 -14.66
N ILE A 257 -6.30 16.51 -14.96
CA ILE A 257 -5.26 16.48 -13.92
C ILE A 257 -5.34 17.75 -13.06
N ALA A 258 -5.41 18.91 -13.73
CA ALA A 258 -5.48 20.22 -13.10
C ALA A 258 -6.60 20.35 -12.06
N ASP A 259 -7.74 19.72 -12.35
CA ASP A 259 -8.91 19.71 -11.46
C ASP A 259 -8.63 19.12 -10.08
N ALA A 260 -7.67 18.19 -10.01
CA ALA A 260 -7.27 17.56 -8.76
C ALA A 260 -6.39 18.50 -7.94
N VAL A 261 -5.48 19.19 -8.63
CA VAL A 261 -4.65 20.23 -8.02
C VAL A 261 -5.51 21.35 -7.43
N ILE A 262 -6.42 21.88 -8.25
CA ILE A 262 -7.38 22.92 -7.82
C ILE A 262 -8.16 22.55 -6.56
N PHE A 263 -8.72 21.34 -6.55
CA PHE A 263 -9.46 20.84 -5.39
C PHE A 263 -8.58 20.83 -4.14
N LEU A 264 -7.33 20.40 -4.30
CA LEU A 264 -6.43 20.20 -3.18
C LEU A 264 -5.92 21.48 -2.54
N VAL A 265 -5.78 22.53 -3.34
CA VAL A 265 -5.39 23.85 -2.84
C VAL A 265 -6.57 24.71 -2.35
N SER A 266 -7.79 24.21 -2.57
CA SER A 266 -9.01 24.97 -2.24
C SER A 266 -9.44 24.84 -0.78
N GLY A 267 -10.48 25.57 -0.41
CA GLY A 267 -11.06 25.52 0.93
C GLY A 267 -11.86 24.26 1.17
N SER A 268 -12.14 23.53 0.09
CA SER A 268 -12.83 22.25 0.16
C SER A 268 -11.90 21.13 0.60
N ALA A 269 -10.62 21.44 0.75
CA ALA A 269 -9.61 20.44 1.12
C ALA A 269 -8.87 20.85 2.38
N GLN A 270 -9.53 21.64 3.23
CA GLN A 270 -8.89 22.20 4.43
CA GLN A 270 -8.90 22.19 4.44
C GLN A 270 -8.30 21.14 5.37
N TYR A 271 -9.00 20.02 5.54
CA TYR A 271 -8.56 18.95 6.44
C TYR A 271 -7.67 17.91 5.74
N ILE A 272 -7.56 17.99 4.42
CA ILE A 272 -6.78 17.03 3.64
C ILE A 272 -5.28 17.34 3.61
N THR A 273 -4.46 16.46 4.19
CA THR A 273 -2.99 16.51 4.09
C THR A 273 -2.38 15.09 4.09
N GLY A 274 -1.24 14.92 3.42
CA GLY A 274 -0.64 13.59 3.24
C GLY A 274 -1.38 12.67 2.29
N SER A 275 -2.29 13.23 1.49
CA SER A 275 -3.11 12.43 0.58
C SER A 275 -2.54 12.46 -0.83
N ILE A 276 -2.68 11.36 -1.57
CA ILE A 276 -2.34 11.30 -3.01
C ILE A 276 -3.55 10.78 -3.81
N ILE A 277 -4.13 11.65 -4.62
CA ILE A 277 -5.31 11.34 -5.40
C ILE A 277 -4.87 10.78 -6.77
N LYS A 278 -5.27 9.55 -7.06
CA LYS A 278 -5.08 8.96 -8.38
C LYS A 278 -6.12 9.54 -9.33
N VAL A 279 -5.70 9.87 -10.55
CA VAL A 279 -6.61 10.33 -11.60
C VAL A 279 -6.21 9.59 -12.88
N ASP A 280 -6.60 8.30 -12.96
CA ASP A 280 -6.04 7.38 -13.96
C ASP A 280 -7.04 6.55 -14.77
N GLY A 281 -8.32 6.85 -14.65
CA GLY A 281 -9.36 6.09 -15.36
C GLY A 281 -9.43 4.62 -14.97
N GLY A 282 -8.79 4.26 -13.86
CA GLY A 282 -8.77 2.89 -13.37
C GLY A 282 -7.62 2.05 -13.92
N LEU A 283 -6.61 2.70 -14.50
CA LEU A 283 -5.49 2.00 -15.13
C LEU A 283 -4.64 1.15 -14.17
N SER A 284 -4.49 1.63 -12.94
CA SER A 284 -3.67 0.97 -11.93
C SER A 284 -4.27 -0.36 -11.49
N LEU A 285 -5.58 -0.49 -11.70
CA LEU A 285 -6.32 -1.66 -11.23
C LEU A 285 -6.32 -2.82 -12.23
N VAL A 286 -5.80 -2.58 -13.44
CA VAL A 286 -5.77 -3.60 -14.49
C VAL A 286 -4.54 -4.51 -14.39
N HIS A 287 -4.77 -5.80 -14.15
CA HIS A 287 -3.70 -6.78 -14.09
C HIS A 287 -3.02 -6.98 -15.44
N ALA A 288 -1.84 -7.61 -15.42
CA ALA A 288 -1.06 -7.88 -16.62
C ALA A 288 -1.94 -8.32 -17.80
N GLU B 22 32.49 -25.74 -5.28
CA GLU B 22 32.62 -24.26 -5.39
C GLU B 22 31.64 -23.54 -4.46
N ALA B 23 32.19 -22.88 -3.43
CA ALA B 23 31.39 -22.13 -2.46
C ALA B 23 30.89 -20.81 -3.06
N PRO B 24 29.57 -20.52 -2.90
CA PRO B 24 28.97 -19.29 -3.41
C PRO B 24 29.46 -18.04 -2.64
N ALA B 25 29.28 -16.87 -3.24
CA ALA B 25 29.81 -15.62 -2.66
C ALA B 25 28.80 -14.51 -2.48
N ALA B 26 28.93 -13.77 -1.38
CA ALA B 26 27.99 -12.71 -1.04
C ALA B 26 28.67 -11.38 -0.73
N VAL B 27 28.06 -10.30 -1.21
CA VAL B 27 28.49 -8.95 -0.85
C VAL B 27 27.50 -8.37 0.17
N VAL B 28 28.03 -7.89 1.28
CA VAL B 28 27.23 -7.25 2.33
C VAL B 28 27.84 -5.90 2.70
N THR B 29 27.10 -4.83 2.43
CA THR B 29 27.54 -3.46 2.69
C THR B 29 27.38 -3.06 4.16
N GLY B 30 28.29 -2.21 4.65
CA GLY B 30 28.30 -1.79 6.05
C GLY B 30 28.15 -2.98 6.97
N ALA B 31 29.09 -3.91 6.86
CA ALA B 31 29.01 -5.22 7.52
C ALA B 31 29.97 -5.35 8.70
N ALA B 32 30.51 -4.23 9.17
CA ALA B 32 31.50 -4.24 10.25
C ALA B 32 30.86 -4.53 11.60
N LYS B 33 29.71 -3.93 11.87
CA LYS B 33 28.99 -4.15 13.12
C LYS B 33 27.47 -4.20 12.93
N ARG B 34 26.77 -4.45 14.04
CA ARG B 34 25.29 -4.45 14.10
C ARG B 34 24.63 -5.40 13.09
N ILE B 35 23.50 -4.97 12.52
CA ILE B 35 22.69 -5.82 11.63
C ILE B 35 23.49 -6.40 10.46
N GLY B 36 24.28 -5.55 9.80
CA GLY B 36 25.15 -6.00 8.71
C GLY B 36 26.15 -7.08 9.06
N ARG B 37 26.70 -7.01 10.28
CA ARG B 37 27.62 -8.04 10.75
C ARG B 37 26.91 -9.38 10.90
N ALA B 38 25.68 -9.34 11.43
CA ALA B 38 24.87 -10.54 11.62
C ALA B 38 24.48 -11.21 10.32
N ILE B 39 24.24 -10.41 9.28
CA ILE B 39 23.89 -10.95 7.97
C ILE B 39 25.11 -11.62 7.33
N ALA B 40 26.30 -11.05 7.57
CA ALA B 40 27.56 -11.63 7.07
C ALA B 40 27.88 -12.94 7.80
N VAL B 41 27.82 -12.91 9.12
CA VAL B 41 28.06 -14.09 9.96
C VAL B 41 27.11 -15.24 9.57
N LYS B 42 25.83 -14.93 9.46
CA LYS B 42 24.82 -15.89 9.04
C LYS B 42 25.09 -16.51 7.67
N LEU B 43 25.45 -15.67 6.70
CA LEU B 43 25.72 -16.14 5.34
C LEU B 43 27.00 -17.00 5.29
N HIS B 44 27.97 -16.66 6.14
CA HIS B 44 29.20 -17.46 6.28
C HIS B 44 28.89 -18.85 6.81
N GLN B 45 28.10 -18.91 7.88
CA GLN B 45 27.73 -20.17 8.52
C GLN B 45 26.83 -21.04 7.65
N THR B 46 26.08 -20.40 6.76
CA THR B 46 25.32 -21.13 5.75
C THR B 46 26.28 -21.77 4.74
N GLY B 47 27.47 -21.18 4.60
CA GLY B 47 28.51 -21.73 3.73
C GLY B 47 28.89 -20.82 2.58
N TYR B 48 28.62 -19.51 2.75
CA TYR B 48 28.97 -18.49 1.77
C TYR B 48 30.35 -17.94 2.02
N ARG B 49 30.96 -17.44 0.95
CA ARG B 49 32.17 -16.64 1.05
C ARG B 49 31.74 -15.17 0.98
N VAL B 50 32.10 -14.40 2.01
CA VAL B 50 31.58 -13.05 2.21
C VAL B 50 32.55 -11.93 1.85
N VAL B 51 31.99 -10.79 1.44
CA VAL B 51 32.75 -9.56 1.27
C VAL B 51 32.24 -8.53 2.28
N ILE B 52 33.03 -8.30 3.31
CA ILE B 52 32.65 -7.38 4.37
C ILE B 52 32.98 -5.94 3.95
N HIS B 53 31.94 -5.18 3.61
CA HIS B 53 32.12 -3.76 3.29
C HIS B 53 31.96 -2.91 4.54
N TYR B 54 32.74 -1.83 4.61
CA TYR B 54 32.70 -0.90 5.73
C TYR B 54 33.01 0.53 5.26
N HIS B 55 32.76 1.51 6.11
CA HIS B 55 33.09 2.89 5.79
C HIS B 55 34.18 3.43 6.74
N ASN B 56 33.84 3.60 8.02
CA ASN B 56 34.80 4.09 9.02
C ASN B 56 35.31 3.02 9.98
N SER B 57 34.48 2.01 10.24
CA SER B 57 34.82 0.94 11.18
C SER B 57 35.79 -0.05 10.56
N ALA B 58 37.06 0.34 10.48
CA ALA B 58 38.11 -0.47 9.87
C ALA B 58 38.56 -1.62 10.76
N GLU B 59 38.75 -1.32 12.03
CA GLU B 59 39.21 -2.30 13.02
C GLU B 59 38.18 -3.42 13.24
N ALA B 60 36.90 -3.07 13.22
CA ALA B 60 35.82 -4.02 13.45
C ALA B 60 35.59 -4.93 12.24
N ALA B 61 35.71 -4.37 11.04
CA ALA B 61 35.54 -5.13 9.80
C ALA B 61 36.64 -6.18 9.63
N VAL B 62 37.87 -5.81 9.98
CA VAL B 62 39.01 -6.72 9.88
C VAL B 62 38.94 -7.78 10.98
N SER B 63 38.69 -7.35 12.22
CA SER B 63 38.54 -8.26 13.37
C SER B 63 37.43 -9.30 13.16
N LEU B 64 36.42 -8.94 12.38
CA LEU B 64 35.38 -9.88 11.98
C LEU B 64 35.90 -10.87 10.93
N ALA B 65 36.65 -10.35 9.96
CA ALA B 65 37.18 -11.17 8.87
C ALA B 65 38.18 -12.22 9.37
N ASP B 66 38.90 -11.89 10.44
CA ASP B 66 39.84 -12.81 11.08
C ASP B 66 39.09 -13.98 11.71
N GLU B 67 37.99 -13.67 12.38
CA GLU B 67 37.15 -14.66 13.08
C GLU B 67 36.41 -15.61 12.12
N LEU B 68 36.18 -15.15 10.89
CA LEU B 68 35.49 -15.96 9.88
C LEU B 68 36.48 -16.78 9.06
N ASN B 69 37.68 -16.23 8.87
CA ASN B 69 38.78 -16.95 8.19
C ASN B 69 39.43 -18.02 9.07
N LYS B 70 39.36 -17.81 10.38
CA LYS B 70 39.80 -18.79 11.38
C LYS B 70 38.96 -20.07 11.31
N GLU B 71 37.66 -19.91 11.04
N GLU B 71 37.67 -19.90 11.03
CA GLU B 71 36.75 -21.05 10.88
CA GLU B 71 36.73 -21.03 10.88
C GLU B 71 36.92 -21.71 9.51
C GLU B 71 36.88 -21.70 9.51
N ARG B 72 37.04 -20.88 8.48
CA ARG B 72 37.29 -21.38 7.11
C ARG B 72 38.32 -20.49 6.41
N SER B 73 39.43 -21.09 6.00
N SER B 73 39.43 -21.09 6.00
CA SER B 73 40.51 -20.36 5.34
CA SER B 73 40.52 -20.39 5.31
C SER B 73 40.09 -19.81 3.98
C SER B 73 40.07 -19.80 3.98
N ASN B 74 40.51 -18.58 3.70
CA ASN B 74 40.22 -17.87 2.43
C ASN B 74 38.72 -17.73 2.07
N THR B 75 37.93 -17.26 3.04
CA THR B 75 36.49 -17.14 2.84
C THR B 75 35.94 -15.72 3.04
N ALA B 76 36.66 -14.90 3.81
CA ALA B 76 36.23 -13.53 4.08
C ALA B 76 37.25 -12.48 3.60
N VAL B 77 36.76 -11.37 3.08
CA VAL B 77 37.58 -10.21 2.72
C VAL B 77 36.95 -8.90 3.18
N VAL B 78 37.76 -7.87 3.36
CA VAL B 78 37.27 -6.52 3.64
C VAL B 78 37.34 -5.65 2.39
N CYS B 79 36.51 -4.61 2.34
CA CYS B 79 36.48 -3.68 1.22
C CYS B 79 35.91 -2.31 1.60
N GLN B 80 36.76 -1.29 1.62
CA GLN B 80 36.34 0.04 2.06
C GLN B 80 35.85 0.88 0.88
N ALA B 81 34.75 1.58 1.12
CA ALA B 81 34.16 2.48 0.13
C ALA B 81 33.14 3.42 0.80
N ASP B 82 33.14 4.67 0.37
CA ASP B 82 32.11 5.64 0.75
C ASP B 82 30.96 5.54 -0.23
N LEU B 83 29.74 5.51 0.30
CA LEU B 83 28.55 5.34 -0.53
C LEU B 83 27.71 6.62 -0.62
N THR B 84 28.27 7.70 -0.08
CA THR B 84 27.75 9.05 -0.22
C THR B 84 27.75 9.39 -1.71
N ASN B 85 26.61 9.89 -2.18
CA ASN B 85 26.43 10.22 -3.59
C ASN B 85 27.44 11.23 -4.09
N SER B 86 27.96 10.97 -5.29
CA SER B 86 28.88 11.87 -5.98
C SER B 86 29.10 11.33 -7.38
N ASN B 87 29.82 12.07 -8.22
CA ASN B 87 30.08 11.65 -9.60
C ASN B 87 31.04 10.46 -9.71
N VAL B 88 31.67 10.10 -8.60
CA VAL B 88 32.56 8.92 -8.58
C VAL B 88 31.89 7.67 -8.01
N LEU B 89 30.68 7.83 -7.49
CA LEU B 89 29.95 6.72 -6.85
C LEU B 89 29.73 5.51 -7.75
N PRO B 90 29.28 5.71 -9.00
CA PRO B 90 29.23 4.55 -9.89
C PRO B 90 30.50 3.69 -9.83
N ALA B 91 31.67 4.32 -9.96
CA ALA B 91 32.94 3.59 -9.90
C ALA B 91 33.18 2.90 -8.55
N SER B 92 32.87 3.61 -7.46
CA SER B 92 33.04 3.06 -6.12
C SER B 92 32.30 1.73 -5.99
N CYS B 93 31.10 1.69 -6.58
CA CYS B 93 30.21 0.53 -6.48
C CYS B 93 30.61 -0.62 -7.39
N GLU B 94 31.09 -0.29 -8.58
N GLU B 94 31.10 -0.31 -8.59
CA GLU B 94 31.67 -1.28 -9.52
CA GLU B 94 31.64 -1.34 -9.49
C GLU B 94 32.87 -1.99 -8.86
C GLU B 94 32.87 -2.02 -8.84
N GLU B 95 33.63 -1.24 -8.08
CA GLU B 95 34.81 -1.77 -7.39
C GLU B 95 34.46 -2.76 -6.27
N ILE B 96 33.39 -2.47 -5.53
CA ILE B 96 32.92 -3.36 -4.47
C ILE B 96 32.53 -4.72 -5.07
N ILE B 97 31.82 -4.68 -6.19
CA ILE B 97 31.49 -5.89 -6.93
C ILE B 97 32.77 -6.55 -7.44
N ASN B 98 33.66 -5.74 -8.03
CA ASN B 98 34.93 -6.22 -8.56
C ASN B 98 35.78 -6.97 -7.55
N SER B 99 35.83 -6.47 -6.31
CA SER B 99 36.64 -7.10 -5.25
CA SER B 99 36.63 -7.10 -5.24
C SER B 99 36.12 -8.49 -4.88
N CYS B 100 34.84 -8.75 -5.18
CA CYS B 100 34.25 -10.06 -4.93
C CYS B 100 34.73 -11.07 -5.95
N PHE B 101 34.64 -10.71 -7.23
CA PHE B 101 35.14 -11.53 -8.34
C PHE B 101 36.65 -11.74 -8.29
N ARG B 102 37.37 -10.79 -7.68
CA ARG B 102 38.81 -10.91 -7.51
C ARG B 102 39.17 -11.98 -6.50
N ALA B 103 38.58 -11.87 -5.31
CA ALA B 103 38.89 -12.74 -4.18
C ALA B 103 38.26 -14.12 -4.27
N PHE B 104 37.09 -14.21 -4.90
CA PHE B 104 36.32 -15.47 -4.93
C PHE B 104 35.96 -15.98 -6.32
N GLY B 105 36.11 -15.14 -7.34
CA GLY B 105 35.91 -15.58 -8.72
C GLY B 105 34.46 -15.56 -9.19
N ARG B 106 33.54 -15.20 -8.29
CA ARG B 106 32.11 -15.23 -8.56
C ARG B 106 31.35 -14.29 -7.61
N CYS B 107 30.13 -13.92 -7.97
CA CYS B 107 29.27 -13.08 -7.13
C CYS B 107 27.81 -13.51 -7.21
N ASP B 108 27.30 -14.02 -6.08
CA ASP B 108 26.00 -14.67 -6.05
C ASP B 108 24.91 -13.85 -5.36
N VAL B 109 25.26 -13.23 -4.22
CA VAL B 109 24.30 -12.48 -3.41
C VAL B 109 24.81 -11.06 -3.08
N LEU B 110 23.88 -10.10 -3.10
CA LEU B 110 24.14 -8.71 -2.73
C LEU B 110 23.14 -8.23 -1.68
N VAL B 111 23.66 -7.85 -0.51
CA VAL B 111 22.84 -7.32 0.55
C VAL B 111 23.10 -5.82 0.70
N ASN B 112 22.11 -5.02 0.31
CA ASN B 112 22.16 -3.57 0.49
C ASN B 112 21.71 -3.19 1.90
N ASN B 113 22.70 -3.03 2.78
CA ASN B 113 22.47 -2.85 4.20
C ASN B 113 22.96 -1.51 4.75
N ALA B 114 24.05 -0.98 4.20
CA ALA B 114 24.64 0.27 4.69
C ALA B 114 23.67 1.44 4.53
N SER B 115 23.56 2.26 5.58
CA SER B 115 22.61 3.35 5.59
C SER B 115 22.90 4.45 6.61
N ALA B 116 22.93 5.68 6.10
CA ALA B 116 22.96 6.89 6.92
C ALA B 116 21.59 7.13 7.54
N PHE B 117 21.60 7.64 8.78
CA PHE B 117 20.37 7.82 9.55
C PHE B 117 20.52 8.96 10.56
N TYR B 118 20.01 10.14 10.18
CA TYR B 118 19.97 11.30 11.08
C TYR B 118 18.88 12.29 10.64
N PRO B 119 18.41 13.16 11.58
CA PRO B 119 17.33 14.07 11.21
C PRO B 119 17.77 15.12 10.20
N THR B 120 16.87 15.45 9.27
CA THR B 120 17.06 16.56 8.35
C THR B 120 15.80 17.41 8.26
N PRO B 121 15.51 18.23 9.29
CA PRO B 121 14.31 19.06 9.34
C PRO B 121 14.22 20.08 8.21
N LEU B 122 12.99 20.41 7.82
CA LEU B 122 12.72 21.37 6.76
C LEU B 122 12.82 22.81 7.26
N VAL B 123 12.53 23.00 8.56
CA VAL B 123 12.42 24.34 9.14
C VAL B 123 13.46 24.62 10.23
N GLY B 133 25.44 20.66 11.58
CA GLY B 133 26.84 20.53 11.18
C GLY B 133 27.02 20.40 9.69
N LYS B 134 26.19 19.56 9.07
CA LYS B 134 26.29 19.27 7.63
C LYS B 134 25.46 20.24 6.80
N THR B 135 25.96 20.58 5.62
CA THR B 135 25.21 21.38 4.66
C THR B 135 24.12 20.51 4.05
N VAL B 136 22.99 21.12 3.68
CA VAL B 136 21.87 20.39 3.10
C VAL B 136 22.29 19.50 1.90
N GLU B 137 23.20 19.99 1.08
CA GLU B 137 23.68 19.24 -0.10
C GLU B 137 24.62 18.09 0.27
N THR B 138 25.10 18.09 1.51
CA THR B 138 25.83 16.96 2.08
C THR B 138 24.82 15.94 2.61
N GLN B 139 23.81 16.44 3.32
CA GLN B 139 22.72 15.64 3.85
C GLN B 139 22.02 14.86 2.73
N VAL B 140 21.62 15.58 1.68
CA VAL B 140 21.07 14.95 0.48
C VAL B 140 22.00 13.84 -0.01
N ALA B 141 23.27 14.19 -0.20
CA ALA B 141 24.30 13.26 -0.69
C ALA B 141 24.43 11.99 0.16
N GLU B 142 24.43 12.15 1.47
CA GLU B 142 24.63 11.03 2.40
C GLU B 142 23.38 10.16 2.56
N LEU B 143 22.20 10.79 2.60
CA LEU B 143 20.97 10.06 2.91
C LEU B 143 20.33 9.41 1.69
N ILE B 144 20.36 10.11 0.55
CA ILE B 144 19.82 9.56 -0.69
C ILE B 144 20.84 8.64 -1.37
N GLY B 145 22.13 8.93 -1.20
CA GLY B 145 23.18 8.10 -1.78
C GLY B 145 23.25 6.71 -1.19
N THR B 146 23.30 6.64 0.14
CA THR B 146 23.50 5.37 0.82
C THR B 146 22.25 4.51 0.84
N ASN B 147 21.09 5.15 0.96
CA ASN B 147 19.82 4.43 1.09
C ASN B 147 19.18 3.99 -0.24
N ALA B 148 19.57 4.64 -1.33
CA ALA B 148 18.94 4.38 -2.63
C ALA B 148 19.93 4.32 -3.81
N ILE B 149 20.65 5.42 -4.02
CA ILE B 149 21.47 5.59 -5.23
C ILE B 149 22.61 4.58 -5.30
N ALA B 150 23.30 4.34 -4.19
CA ALA B 150 24.36 3.31 -4.16
C ALA B 150 23.81 1.91 -4.43
N PRO B 151 22.78 1.48 -3.66
CA PRO B 151 22.10 0.24 -4.02
C PRO B 151 21.75 0.10 -5.52
N PHE B 152 21.27 1.16 -6.15
CA PHE B 152 20.93 1.12 -7.57
C PHE B 152 22.15 0.80 -8.43
N LEU B 153 23.29 1.34 -8.05
CA LEU B 153 24.52 1.23 -8.82
C LEU B 153 25.18 -0.14 -8.65
N LEU B 154 25.21 -0.62 -7.41
CA LEU B 154 25.68 -1.98 -7.11
C LEU B 154 24.84 -3.03 -7.84
N THR B 155 23.56 -2.73 -8.05
CA THR B 155 22.62 -3.59 -8.74
C THR B 155 22.95 -3.68 -10.23
N MET B 156 23.30 -2.54 -10.83
CA MET B 156 23.77 -2.48 -12.22
C MET B 156 25.03 -3.30 -12.42
N SER B 157 25.99 -3.09 -11.51
CA SER B 157 27.30 -3.74 -11.58
C SER B 157 27.19 -5.23 -11.32
N PHE B 158 26.32 -5.59 -10.37
CA PHE B 158 26.05 -6.99 -10.06
C PHE B 158 25.45 -7.70 -11.27
N ALA B 159 24.47 -7.06 -11.88
CA ALA B 159 23.84 -7.58 -13.11
C ALA B 159 24.83 -7.60 -14.28
N GLN B 160 25.61 -6.53 -14.43
CA GLN B 160 26.53 -6.36 -15.56
C GLN B 160 27.60 -7.44 -15.57
N ARG B 161 28.14 -7.73 -14.38
CA ARG B 161 29.22 -8.69 -14.22
C ARG B 161 28.86 -10.16 -14.48
N GLN B 162 27.57 -10.46 -14.58
CA GLN B 162 27.13 -11.83 -14.82
C GLN B 162 27.16 -12.18 -16.31
N ASN B 173 21.37 -19.67 -8.34
CA ASN B 173 20.56 -18.85 -7.44
C ASN B 173 21.19 -17.49 -7.15
N LEU B 174 20.90 -16.53 -8.03
CA LEU B 174 21.36 -15.15 -7.89
C LEU B 174 20.25 -14.26 -7.31
N SER B 175 20.55 -13.57 -6.22
CA SER B 175 19.56 -12.77 -5.51
C SER B 175 20.15 -11.51 -4.86
N ILE B 176 19.36 -10.45 -4.86
CA ILE B 176 19.70 -9.20 -4.20
C ILE B 176 18.73 -9.01 -3.04
N VAL B 177 19.24 -8.65 -1.87
CA VAL B 177 18.36 -8.32 -0.73
C VAL B 177 18.59 -6.87 -0.27
N ASN B 178 17.53 -6.07 -0.34
CA ASN B 178 17.58 -4.67 0.09
C ASN B 178 16.93 -4.49 1.45
N LEU B 179 17.71 -4.01 2.42
CA LEU B 179 17.21 -3.71 3.77
C LEU B 179 16.39 -2.42 3.77
N CYS B 180 15.12 -2.51 4.11
CA CYS B 180 14.19 -1.40 4.03
C CYS B 180 13.71 -0.91 5.39
N ASP B 181 12.54 -0.27 5.43
CA ASP B 181 11.93 0.16 6.68
C ASP B 181 10.47 -0.18 6.65
N ALA B 182 10.00 -0.83 7.73
CA ALA B 182 8.60 -1.17 7.89
C ALA B 182 7.75 0.08 8.05
N MET B 183 8.36 1.14 8.60
CA MET B 183 7.63 2.36 8.94
C MET B 183 7.71 3.44 7.86
N VAL B 184 7.92 3.05 6.60
CA VAL B 184 8.02 4.03 5.50
C VAL B 184 6.79 4.94 5.35
N ASP B 185 5.65 4.47 5.85
CA ASP B 185 4.41 5.21 5.77
C ASP B 185 4.02 5.84 7.11
N GLN B 186 4.85 5.62 8.12
CA GLN B 186 4.68 6.26 9.41
C GLN B 186 6.06 6.69 9.90
N PRO B 187 6.59 7.80 9.33
CA PRO B 187 8.00 8.12 9.49
C PRO B 187 8.29 8.88 10.78
N CYS B 188 9.56 8.95 11.17
CA CYS B 188 9.94 9.76 12.33
C CYS B 188 9.89 11.25 11.98
N MET B 189 9.50 12.06 12.95
CA MET B 189 9.46 13.51 12.79
C MET B 189 10.83 14.06 12.41
N ALA B 190 10.83 14.97 11.44
CA ALA B 190 12.04 15.68 10.99
C ALA B 190 13.08 14.79 10.28
N PHE B 191 12.64 13.66 9.76
CA PHE B 191 13.51 12.66 9.11
C PHE B 191 13.14 12.47 7.62
N SER B 192 12.86 13.57 6.94
CA SER B 192 12.37 13.54 5.56
CA SER B 192 12.38 13.56 5.56
C SER B 192 13.34 12.89 4.58
N LEU B 193 14.59 13.30 4.60
CA LEU B 193 15.55 12.79 3.62
C LEU B 193 15.77 11.29 3.74
N TYR B 194 15.91 10.82 4.97
CA TYR B 194 16.02 9.38 5.24
C TYR B 194 14.84 8.60 4.66
N ASN B 195 13.62 9.08 4.92
CA ASN B 195 12.40 8.41 4.46
C ASN B 195 12.31 8.39 2.93
N MET B 196 12.81 9.45 2.31
CA MET B 196 12.82 9.59 0.86
C MET B 196 13.70 8.52 0.23
N GLY B 197 14.85 8.27 0.84
CA GLY B 197 15.78 7.24 0.39
C GLY B 197 15.32 5.82 0.64
N LYS B 198 14.57 5.61 1.73
CA LYS B 198 13.97 4.31 2.03
C LYS B 198 12.77 4.03 1.14
N HIS B 199 12.03 5.07 0.80
CA HIS B 199 10.92 4.96 -0.14
C HIS B 199 11.44 4.61 -1.53
N ALA B 200 12.54 5.25 -1.93
CA ALA B 200 13.17 4.99 -3.22
C ALA B 200 13.78 3.59 -3.32
N LEU B 201 14.14 3.03 -2.16
CA LEU B 201 14.65 1.66 -2.10
C LEU B 201 13.58 0.61 -2.40
N VAL B 202 12.36 0.85 -1.90
CA VAL B 202 11.21 0.04 -2.27
C VAL B 202 11.03 0.08 -3.79
N GLY B 203 11.09 1.29 -4.36
CA GLY B 203 10.92 1.50 -5.78
C GLY B 203 11.94 0.80 -6.64
N LEU B 204 13.18 0.73 -6.14
CA LEU B 204 14.27 0.02 -6.83
C LEU B 204 14.06 -1.50 -6.73
N THR B 205 13.79 -1.97 -5.51
CA THR B 205 13.46 -3.37 -5.25
C THR B 205 12.43 -3.91 -6.26
N GLN B 206 11.39 -3.11 -6.52
CA GLN B 206 10.34 -3.51 -7.44
C GLN B 206 10.76 -3.48 -8.91
N SER B 207 11.33 -2.35 -9.33
CA SER B 207 11.76 -2.15 -10.73
C SER B 207 12.91 -3.07 -11.15
N ALA B 208 13.88 -3.25 -10.25
CA ALA B 208 14.96 -4.21 -10.48
C ALA B 208 14.46 -5.66 -10.59
N ALA B 209 13.55 -6.05 -9.70
CA ALA B 209 12.97 -7.39 -9.72
C ALA B 209 12.35 -7.68 -11.09
N LEU B 210 11.55 -6.73 -11.57
CA LEU B 210 10.87 -6.80 -12.87
C LEU B 210 11.82 -6.96 -14.06
N GLU B 211 12.92 -6.20 -14.05
CA GLU B 211 13.86 -6.17 -15.18
C GLU B 211 14.90 -7.29 -15.11
N LEU B 212 15.33 -7.64 -13.91
CA LEU B 212 16.37 -8.66 -13.73
C LEU B 212 15.79 -10.07 -13.55
N ALA B 213 14.49 -10.22 -13.78
CA ALA B 213 13.85 -11.53 -13.70
C ALA B 213 14.24 -12.45 -14.88
N PRO B 214 14.17 -11.93 -16.13
CA PRO B 214 14.64 -12.71 -17.30
C PRO B 214 16.08 -13.25 -17.20
N TYR B 215 16.87 -12.68 -16.30
CA TYR B 215 18.25 -13.11 -16.09
C TYR B 215 18.37 -14.08 -14.91
N GLY B 216 17.25 -14.34 -14.25
CA GLY B 216 17.23 -15.25 -13.09
C GLY B 216 17.69 -14.62 -11.80
N ILE B 217 17.71 -13.28 -11.78
CA ILE B 217 18.11 -12.51 -10.59
C ILE B 217 16.88 -12.06 -9.81
N ARG B 218 16.85 -12.43 -8.54
CA ARG B 218 15.72 -12.11 -7.68
C ARG B 218 16.06 -10.94 -6.78
N VAL B 219 15.23 -9.90 -6.84
CA VAL B 219 15.40 -8.73 -5.98
C VAL B 219 14.26 -8.70 -4.96
N ASN B 220 14.63 -8.52 -3.69
CA ASN B 220 13.71 -8.62 -2.56
C ASN B 220 14.13 -7.70 -1.40
N GLY B 221 13.31 -7.69 -0.33
CA GLY B 221 13.53 -6.78 0.78
C GLY B 221 13.20 -7.35 2.14
N VAL B 222 13.87 -6.83 3.17
CA VAL B 222 13.63 -7.17 4.57
C VAL B 222 13.45 -5.83 5.28
N ALA B 223 12.28 -5.62 5.87
CA ALA B 223 11.93 -4.33 6.44
C ALA B 223 11.80 -4.39 7.97
N PRO B 224 12.88 -4.08 8.70
CA PRO B 224 12.82 -4.09 10.16
C PRO B 224 11.97 -2.93 10.70
N GLY B 225 11.29 -3.18 11.81
CA GLY B 225 10.60 -2.10 12.51
C GLY B 225 11.63 -1.40 13.36
N VAL B 226 11.64 -1.73 14.65
CA VAL B 226 12.73 -1.33 15.53
C VAL B 226 13.56 -2.57 15.89
N SER B 227 14.85 -2.50 15.55
CA SER B 227 15.80 -3.55 15.87
CA SER B 227 15.81 -3.55 15.86
C SER B 227 16.85 -2.99 16.84
N LEU B 228 18.13 -3.29 16.59
CA LEU B 228 19.21 -2.70 17.38
C LEU B 228 19.09 -1.18 17.28
N LEU B 229 18.81 -0.56 18.43
CA LEU B 229 18.61 0.88 18.49
C LEU B 229 19.96 1.61 18.44
N PRO B 230 19.96 2.92 18.10
CA PRO B 230 21.24 3.64 17.95
C PRO B 230 22.13 3.65 19.19
N VAL B 231 23.44 3.75 18.98
CA VAL B 231 24.49 3.58 20.02
C VAL B 231 24.19 4.08 21.45
N ALA B 232 23.85 5.35 21.75
CA ALA B 232 23.76 6.60 20.96
C ALA B 232 22.41 7.20 21.38
N MET B 233 21.46 6.31 21.62
CA MET B 233 20.16 6.63 22.17
C MET B 233 20.18 6.33 23.68
N GLY B 234 19.52 7.16 24.46
CA GLY B 234 19.44 6.97 25.91
C GLY B 234 18.64 5.74 26.30
N GLU B 235 18.76 5.32 27.56
CA GLU B 235 18.09 4.11 28.03
C GLU B 235 16.60 4.32 28.26
N GLU B 236 16.21 5.50 28.72
CA GLU B 236 14.79 5.83 28.91
C GLU B 236 14.07 5.98 27.56
N GLU B 237 14.80 6.42 26.54
CA GLU B 237 14.23 6.57 25.20
C GLU B 237 14.02 5.20 24.54
N LYS B 238 14.95 4.28 24.77
CA LYS B 238 14.90 2.92 24.22
C LYS B 238 13.76 2.08 24.78
N ASP B 239 13.43 2.30 26.06
CA ASP B 239 12.32 1.61 26.71
C ASP B 239 10.96 2.07 26.20
N LYS B 240 10.84 3.37 25.91
CA LYS B 240 9.61 3.94 25.35
C LYS B 240 9.27 3.29 24.02
N TRP B 241 10.31 3.02 23.22
CA TRP B 241 10.15 2.38 21.91
C TRP B 241 9.82 0.88 22.04
N ARG B 242 10.48 0.20 22.97
CA ARG B 242 10.24 -1.22 23.23
C ARG B 242 8.81 -1.50 23.66
N ARG B 243 8.26 -0.63 24.51
CA ARG B 243 6.90 -0.76 25.00
C ARG B 243 5.82 -0.65 23.90
N LYS B 244 6.20 -0.10 22.76
CA LYS B 244 5.30 0.03 21.61
C LYS B 244 5.07 -1.30 20.87
N VAL B 245 6.06 -2.20 20.90
CA VAL B 245 6.06 -3.44 20.12
C VAL B 245 5.07 -4.47 20.66
N PRO B 246 4.05 -4.83 19.85
CA PRO B 246 3.08 -5.86 20.25
C PRO B 246 3.71 -7.19 20.68
N LEU B 247 4.58 -7.72 19.83
CA LEU B 247 5.19 -9.04 20.03
C LEU B 247 6.45 -8.98 20.88
N GLY B 248 6.28 -9.15 22.20
CA GLY B 248 7.39 -9.27 23.12
C GLY B 248 7.72 -8.02 23.92
N ARG B 249 7.35 -6.86 23.38
CA ARG B 249 7.75 -5.56 23.94
C ARG B 249 9.28 -5.44 23.96
N ARG B 250 9.91 -6.05 22.96
CA ARG B 250 11.35 -5.99 22.76
C ARG B 250 11.58 -5.60 21.30
N GLU B 251 12.76 -5.08 21.01
CA GLU B 251 13.19 -4.85 19.64
C GLU B 251 13.69 -6.16 19.05
N ALA B 252 13.70 -6.24 17.72
CA ALA B 252 14.24 -7.40 17.02
C ALA B 252 15.74 -7.51 17.28
N SER B 253 16.22 -8.73 17.51
CA SER B 253 17.64 -8.98 17.58
C SER B 253 18.20 -8.96 16.16
N ALA B 254 19.50 -8.70 16.02
CA ALA B 254 20.14 -8.65 14.72
C ALA B 254 20.01 -9.98 13.98
N GLU B 255 20.17 -11.07 14.73
N GLU B 255 20.21 -11.07 14.72
CA GLU B 255 20.08 -12.43 14.20
CA GLU B 255 20.08 -12.43 14.20
C GLU B 255 18.70 -12.73 13.65
C GLU B 255 18.70 -12.70 13.62
N GLN B 256 17.68 -12.11 14.23
CA GLN B 256 16.29 -12.26 13.77
C GLN B 256 16.05 -11.57 12.43
N ILE B 257 16.70 -10.43 12.21
CA ILE B 257 16.70 -9.74 10.91
C ILE B 257 17.47 -10.55 9.87
N ALA B 258 18.58 -11.14 10.31
CA ALA B 258 19.43 -11.98 9.48
C ALA B 258 18.71 -13.24 8.96
N ASP B 259 17.86 -13.83 9.79
CA ASP B 259 17.04 -15.00 9.42
C ASP B 259 16.19 -14.78 8.16
N ALA B 260 15.62 -13.59 8.01
CA ALA B 260 14.76 -13.30 6.85
C ALA B 260 15.58 -13.13 5.57
N VAL B 261 16.84 -12.73 5.73
CA VAL B 261 17.75 -12.53 4.61
C VAL B 261 18.22 -13.90 4.11
N ILE B 262 18.54 -14.76 5.06
CA ILE B 262 18.91 -16.16 4.81
C ILE B 262 17.82 -16.90 4.03
N PHE B 263 16.56 -16.63 4.36
CA PHE B 263 15.43 -17.22 3.64
C PHE B 263 15.34 -16.76 2.19
N LEU B 264 15.56 -15.47 1.96
CA LEU B 264 15.36 -14.89 0.64
C LEU B 264 16.44 -15.32 -0.36
N VAL B 265 17.62 -15.63 0.17
CA VAL B 265 18.72 -16.14 -0.66
C VAL B 265 18.80 -17.67 -0.74
N SER B 266 17.89 -18.38 -0.06
CA SER B 266 17.84 -19.85 -0.10
C SER B 266 17.02 -20.43 -1.26
N GLY B 267 17.07 -21.75 -1.42
CA GLY B 267 16.33 -22.46 -2.47
C GLY B 267 14.84 -22.56 -2.16
N SER B 268 14.49 -22.21 -0.93
CA SER B 268 13.11 -22.16 -0.49
C SER B 268 12.37 -20.92 -1.03
N ALA B 269 13.13 -19.95 -1.56
CA ALA B 269 12.56 -18.72 -2.14
C ALA B 269 12.69 -18.61 -3.66
N GLN B 270 12.99 -19.71 -4.35
CA GLN B 270 13.20 -19.71 -5.81
C GLN B 270 12.18 -18.90 -6.62
N TYR B 271 10.96 -18.79 -6.12
CA TYR B 271 9.87 -18.11 -6.86
C TYR B 271 9.58 -16.70 -6.34
N ILE B 272 10.23 -16.33 -5.24
CA ILE B 272 9.97 -15.04 -4.57
C ILE B 272 10.88 -13.93 -5.12
N THR B 273 10.27 -12.85 -5.61
CA THR B 273 10.99 -11.65 -6.10
C THR B 273 10.08 -10.43 -6.10
N GLY B 274 10.65 -9.27 -5.78
CA GLY B 274 9.88 -8.03 -5.67
C GLY B 274 9.07 -7.98 -4.39
N SER B 275 9.45 -8.84 -3.45
CA SER B 275 8.78 -8.94 -2.14
CA SER B 275 8.77 -8.92 -2.16
C SER B 275 9.59 -8.26 -1.06
N ILE B 276 8.89 -7.62 -0.13
CA ILE B 276 9.49 -6.99 1.05
C ILE B 276 8.83 -7.57 2.29
N ILE B 277 9.64 -8.22 3.14
CA ILE B 277 9.13 -8.89 4.33
C ILE B 277 9.31 -8.03 5.57
N LYS B 278 8.18 -7.61 6.15
CA LYS B 278 8.21 -6.93 7.44
C LYS B 278 8.73 -7.88 8.53
N VAL B 279 9.74 -7.43 9.26
CA VAL B 279 10.25 -8.15 10.42
C VAL B 279 10.17 -7.17 11.61
N ASP B 280 8.95 -6.88 12.06
CA ASP B 280 8.75 -5.75 12.98
C ASP B 280 7.93 -5.99 14.26
N GLY B 281 7.46 -7.22 14.45
CA GLY B 281 6.69 -7.60 15.64
C GLY B 281 5.35 -6.89 15.80
N GLY B 282 4.75 -6.47 14.70
CA GLY B 282 3.46 -5.79 14.70
C GLY B 282 3.52 -4.28 14.89
N LEU B 283 4.74 -3.74 14.89
CA LEU B 283 4.95 -2.30 15.10
C LEU B 283 4.14 -1.43 14.13
N SER B 284 4.20 -1.76 12.84
CA SER B 284 3.57 -0.95 11.79
C SER B 284 2.04 -0.97 11.87
N LEU B 285 1.50 -1.83 12.73
CA LEU B 285 0.06 -1.99 12.86
C LEU B 285 -0.53 -1.15 13.99
N VAL B 286 0.33 -0.66 14.87
CA VAL B 286 -0.10 0.12 16.04
C VAL B 286 -0.45 1.54 15.60
N HIS B 287 -1.66 1.97 15.92
CA HIS B 287 -2.05 3.36 15.67
C HIS B 287 -1.44 4.29 16.72
N ALA B 288 -1.38 5.58 16.40
CA ALA B 288 -0.80 6.60 17.28
C ALA B 288 -1.35 6.61 18.71
N GLU C 22 -33.92 18.65 -15.72
CA GLU C 22 -34.35 18.06 -14.42
C GLU C 22 -33.17 17.76 -13.49
N ALA C 23 -33.42 17.89 -12.19
CA ALA C 23 -32.38 17.69 -11.16
C ALA C 23 -31.95 16.22 -11.03
N PRO C 24 -30.65 15.98 -10.74
CA PRO C 24 -30.17 14.62 -10.53
C PRO C 24 -30.58 14.08 -9.15
N ALA C 25 -30.49 12.77 -8.97
CA ALA C 25 -30.93 12.13 -7.73
C ALA C 25 -29.85 11.27 -7.08
N ALA C 26 -29.76 11.35 -5.75
CA ALA C 26 -28.77 10.61 -5.00
C ALA C 26 -29.35 9.91 -3.77
N VAL C 27 -28.92 8.68 -3.54
CA VAL C 27 -29.25 7.97 -2.31
C VAL C 27 -28.04 7.87 -1.38
N VAL C 28 -28.24 8.27 -0.13
CA VAL C 28 -27.20 8.24 0.91
C VAL C 28 -27.70 7.37 2.05
N THR C 29 -26.94 6.34 2.43
CA THR C 29 -27.35 5.42 3.50
C THR C 29 -27.00 5.96 4.91
N GLY C 30 -27.81 5.58 5.91
CA GLY C 30 -27.62 6.04 7.29
C GLY C 30 -27.32 7.52 7.35
N ALA C 31 -28.33 8.31 6.99
CA ALA C 31 -28.16 9.76 6.78
C ALA C 31 -29.08 10.60 7.66
N ALA C 32 -29.73 9.96 8.63
CA ALA C 32 -30.53 10.70 9.60
C ALA C 32 -29.65 11.63 10.44
N LYS C 33 -28.47 11.13 10.82
CA LYS C 33 -27.58 11.84 11.74
C LYS C 33 -26.14 11.91 11.25
N ARG C 34 -25.35 12.74 11.94
CA ARG C 34 -23.88 12.82 11.79
C ARG C 34 -23.36 12.99 10.34
N ILE C 35 -22.35 12.21 9.95
CA ILE C 35 -21.66 12.39 8.66
C ILE C 35 -22.58 12.22 7.44
N GLY C 36 -23.46 11.23 7.51
CA GLY C 36 -24.43 11.00 6.44
C GLY C 36 -25.39 12.15 6.24
N ARG C 37 -25.80 12.79 7.35
CA ARG C 37 -26.67 13.95 7.32
CA ARG C 37 -26.68 13.95 7.29
C ARG C 37 -26.02 15.05 6.48
N ALA C 38 -24.80 15.41 6.86
CA ALA C 38 -24.02 16.43 6.17
C ALA C 38 -23.83 16.13 4.68
N ILE C 39 -23.64 14.87 4.33
CA ILE C 39 -23.42 14.49 2.93
C ILE C 39 -24.68 14.73 2.09
N ALA C 40 -25.82 14.35 2.66
CA ALA C 40 -27.12 14.59 2.03
C ALA C 40 -27.45 16.09 1.97
N VAL C 41 -27.24 16.79 3.09
CA VAL C 41 -27.43 18.24 3.15
C VAL C 41 -26.66 18.96 2.04
N LYS C 42 -25.37 18.63 1.92
CA LYS C 42 -24.48 19.25 0.93
C LYS C 42 -24.81 18.87 -0.51
N LEU C 43 -25.27 17.64 -0.71
CA LEU C 43 -25.70 17.17 -2.03
C LEU C 43 -26.97 17.88 -2.48
N HIS C 44 -27.86 18.15 -1.52
CA HIS C 44 -29.08 18.90 -1.76
C HIS C 44 -28.76 20.35 -2.12
N GLN C 45 -27.91 21.00 -1.33
CA GLN C 45 -27.45 22.37 -1.59
C GLN C 45 -26.79 22.51 -2.95
N THR C 46 -26.16 21.44 -3.42
CA THR C 46 -25.58 21.36 -4.76
C THR C 46 -26.69 21.37 -5.81
N GLY C 47 -27.83 20.79 -5.47
CA GLY C 47 -28.99 20.75 -6.36
C GLY C 47 -29.57 19.36 -6.58
N TYR C 48 -29.14 18.40 -5.76
CA TYR C 48 -29.59 17.00 -5.87
C TYR C 48 -30.91 16.77 -5.15
N ARG C 49 -31.71 15.87 -5.69
CA ARG C 49 -32.85 15.30 -4.97
C ARG C 49 -32.38 14.07 -4.21
N VAL C 50 -32.63 14.03 -2.90
CA VAL C 50 -32.04 13.00 -2.04
C VAL C 50 -33.02 11.96 -1.45
N VAL C 51 -32.53 10.73 -1.29
CA VAL C 51 -33.23 9.70 -0.53
C VAL C 51 -32.51 9.52 0.80
N ILE C 52 -33.20 9.83 1.89
CA ILE C 52 -32.62 9.73 3.23
C ILE C 52 -32.93 8.37 3.85
N HIS C 53 -32.00 7.43 3.65
CA HIS C 53 -32.11 6.10 4.27
C HIS C 53 -31.77 6.20 5.75
N TYR C 54 -32.51 5.47 6.57
CA TYR C 54 -32.22 5.39 7.99
C TYR C 54 -32.49 3.95 8.47
N HIS C 55 -32.12 3.69 9.72
CA HIS C 55 -32.44 2.41 10.33
C HIS C 55 -33.24 2.61 11.62
N ASN C 56 -32.59 3.13 12.65
CA ASN C 56 -33.25 3.41 13.93
C ASN C 56 -33.75 4.84 14.06
N SER C 57 -32.89 5.79 13.70
CA SER C 57 -33.17 7.21 13.89
C SER C 57 -34.29 7.72 12.97
N ALA C 58 -35.52 7.39 13.32
CA ALA C 58 -36.69 7.74 12.52
C ALA C 58 -37.04 9.22 12.64
N GLU C 59 -37.02 9.71 13.88
CA GLU C 59 -37.44 11.08 14.19
C GLU C 59 -36.53 12.13 13.56
N ALA C 60 -35.24 11.84 13.49
CA ALA C 60 -34.27 12.72 12.85
C ALA C 60 -34.34 12.64 11.32
N ALA C 61 -34.76 11.49 10.81
CA ALA C 61 -34.83 11.26 9.36
C ALA C 61 -35.99 12.01 8.72
N VAL C 62 -37.12 12.09 9.42
CA VAL C 62 -38.29 12.82 8.92
C VAL C 62 -38.09 14.32 9.06
N SER C 63 -37.49 14.72 10.19
CA SER C 63 -37.19 16.11 10.49
C SER C 63 -36.23 16.74 9.47
N LEU C 64 -35.25 15.95 9.02
CA LEU C 64 -34.31 16.39 8.00
C LEU C 64 -35.00 16.54 6.63
N ALA C 65 -35.82 15.55 6.28
CA ALA C 65 -36.60 15.57 5.04
C ALA C 65 -37.52 16.78 4.97
N ASP C 66 -38.07 17.16 6.13
CA ASP C 66 -38.93 18.34 6.25
C ASP C 66 -38.16 19.60 5.84
N GLU C 67 -37.05 19.86 6.54
CA GLU C 67 -36.20 21.02 6.27
C GLU C 67 -35.71 21.09 4.83
N LEU C 68 -35.41 19.93 4.25
CA LEU C 68 -34.91 19.88 2.87
C LEU C 68 -36.02 20.14 1.85
N ASN C 69 -37.25 19.78 2.21
CA ASN C 69 -38.40 20.02 1.33
C ASN C 69 -39.02 21.40 1.53
N LYS C 70 -38.86 21.94 2.73
CA LYS C 70 -39.23 23.32 3.04
C LYS C 70 -38.39 24.26 2.18
N GLU C 71 -37.13 23.89 1.96
CA GLU C 71 -36.23 24.61 1.07
C GLU C 71 -36.65 24.44 -0.40
N ARG C 72 -36.73 23.19 -0.85
CA ARG C 72 -37.24 22.89 -2.20
C ARG C 72 -38.28 21.77 -2.16
N SER C 73 -39.47 22.05 -2.69
CA SER C 73 -40.59 21.12 -2.63
C SER C 73 -40.35 19.84 -3.44
N ASN C 74 -40.68 18.70 -2.82
CA ASN C 74 -40.56 17.37 -3.44
C ASN C 74 -39.14 17.00 -3.88
N THR C 75 -38.17 17.22 -3.00
CA THR C 75 -36.75 16.95 -3.28
C THR C 75 -36.09 15.94 -2.32
N ALA C 76 -36.85 15.46 -1.34
CA ALA C 76 -36.35 14.50 -0.37
C ALA C 76 -37.39 13.46 0.06
N VAL C 77 -36.94 12.22 0.23
CA VAL C 77 -37.78 11.13 0.71
C VAL C 77 -37.03 10.26 1.71
N VAL C 78 -37.78 9.65 2.64
CA VAL C 78 -37.19 8.74 3.62
C VAL C 78 -37.33 7.28 3.21
N CYS C 79 -36.48 6.42 3.76
CA CYS C 79 -36.50 4.98 3.43
C CYS C 79 -35.80 4.13 4.48
N GLN C 80 -36.59 3.50 5.36
CA GLN C 80 -36.08 2.66 6.42
C GLN C 80 -35.67 1.28 5.90
N ALA C 81 -34.51 0.80 6.35
CA ALA C 81 -34.04 -0.55 6.04
C ALA C 81 -32.93 -1.04 6.99
N ASP C 82 -32.99 -2.34 7.30
CA ASP C 82 -31.96 -3.03 8.06
C ASP C 82 -30.94 -3.59 7.08
N LEU C 83 -29.69 -3.18 7.21
CA LEU C 83 -28.64 -3.60 6.29
C LEU C 83 -27.79 -4.73 6.85
N THR C 84 -28.21 -5.26 8.01
CA THR C 84 -27.62 -6.44 8.64
C THR C 84 -27.67 -7.60 7.67
N ASN C 85 -26.56 -8.30 7.50
CA ASN C 85 -26.48 -9.40 6.55
C ASN C 85 -27.50 -10.50 6.80
N SER C 86 -28.19 -10.88 5.74
CA SER C 86 -29.14 -12.00 5.77
C SER C 86 -29.50 -12.39 4.34
N ASN C 87 -30.42 -13.33 4.20
CA ASN C 87 -30.86 -13.80 2.88
C ASN C 87 -31.88 -12.88 2.23
N VAL C 88 -32.45 -11.97 3.02
CA VAL C 88 -33.42 -11.01 2.52
CA VAL C 88 -33.44 -11.01 2.54
C VAL C 88 -32.79 -9.65 2.22
N LEU C 89 -31.50 -9.51 2.54
CA LEU C 89 -30.77 -8.27 2.30
C LEU C 89 -30.70 -7.89 0.81
N PRO C 90 -30.42 -8.86 -0.10
CA PRO C 90 -30.47 -8.51 -1.52
C PRO C 90 -31.75 -7.76 -1.92
N ALA C 91 -32.89 -8.18 -1.38
CA ALA C 91 -34.17 -7.50 -1.57
C ALA C 91 -34.24 -6.13 -0.90
N SER C 92 -33.71 -6.03 0.33
CA SER C 92 -33.64 -4.75 1.06
C SER C 92 -32.87 -3.69 0.27
N CYS C 93 -31.70 -4.08 -0.23
CA CYS C 93 -30.83 -3.16 -0.96
C CYS C 93 -31.45 -2.77 -2.31
N GLU C 94 -32.07 -3.73 -3.00
CA GLU C 94 -32.79 -3.45 -4.24
C GLU C 94 -33.92 -2.44 -4.00
N GLU C 95 -34.65 -2.62 -2.90
CA GLU C 95 -35.73 -1.71 -2.53
C GLU C 95 -35.27 -0.25 -2.40
N ILE C 96 -34.12 -0.05 -1.74
CA ILE C 96 -33.58 1.28 -1.49
C ILE C 96 -33.28 2.01 -2.80
N ILE C 97 -32.71 1.28 -3.75
CA ILE C 97 -32.45 1.79 -5.10
C ILE C 97 -33.77 2.08 -5.84
N ASN C 98 -34.76 1.24 -5.61
CA ASN C 98 -36.08 1.38 -6.23
C ASN C 98 -36.93 2.52 -5.67
N SER C 99 -36.71 2.87 -4.40
CA SER C 99 -37.37 4.02 -3.80
C SER C 99 -36.95 5.30 -4.52
N CYS C 100 -35.66 5.37 -4.88
CA CYS C 100 -35.10 6.52 -5.58
C CYS C 100 -35.67 6.68 -6.98
N PHE C 101 -35.77 5.56 -7.70
CA PHE C 101 -36.31 5.55 -9.06
C PHE C 101 -37.81 5.81 -9.08
N ARG C 102 -38.46 5.64 -7.93
CA ARG C 102 -39.90 5.80 -7.80
C ARG C 102 -40.22 7.24 -7.41
N ALA C 103 -39.38 7.83 -6.57
CA ALA C 103 -39.56 9.21 -6.12
C ALA C 103 -39.13 10.23 -7.17
N PHE C 104 -38.01 9.95 -7.85
CA PHE C 104 -37.39 10.95 -8.73
C PHE C 104 -37.21 10.47 -10.18
N GLY C 105 -37.55 9.22 -10.44
CA GLY C 105 -37.50 8.69 -11.80
C GLY C 105 -36.11 8.40 -12.33
N ARG C 106 -35.11 8.54 -11.45
CA ARG C 106 -33.69 8.36 -11.80
C ARG C 106 -32.81 8.15 -10.57
N CYS C 107 -31.66 7.51 -10.77
CA CYS C 107 -30.63 7.40 -9.74
C CYS C 107 -29.25 7.65 -10.30
N ASP C 108 -28.64 8.73 -9.83
CA ASP C 108 -27.37 9.21 -10.37
C ASP C 108 -26.19 8.88 -9.46
N VAL C 109 -26.41 9.00 -8.16
CA VAL C 109 -25.34 8.80 -7.17
C VAL C 109 -25.82 7.93 -5.99
N LEU C 110 -24.97 6.99 -5.60
CA LEU C 110 -25.15 6.21 -4.37
C LEU C 110 -23.99 6.45 -3.42
N VAL C 111 -24.30 6.80 -2.18
CA VAL C 111 -23.27 7.02 -1.17
C VAL C 111 -23.42 5.99 -0.06
N ASN C 112 -22.53 5.00 -0.05
CA ASN C 112 -22.53 3.97 0.99
C ASN C 112 -21.89 4.50 2.28
N ASN C 113 -22.74 4.94 3.20
CA ASN C 113 -22.31 5.60 4.43
C ASN C 113 -22.62 4.83 5.71
N ALA C 114 -23.80 4.20 5.77
CA ALA C 114 -24.24 3.48 6.98
C ALA C 114 -23.25 2.40 7.40
N SER C 115 -23.00 2.32 8.70
CA SER C 115 -21.98 1.43 9.23
C SER C 115 -22.13 1.13 10.72
N ALA C 116 -22.03 -0.16 11.06
CA ALA C 116 -21.95 -0.62 12.43
C ALA C 116 -20.50 -0.56 12.93
N PHE C 117 -20.32 -0.19 14.20
CA PHE C 117 -19.02 0.07 14.78
C PHE C 117 -18.99 -0.27 16.26
N TYR C 118 -18.43 -1.45 16.59
CA TYR C 118 -18.20 -1.86 17.98
C TYR C 118 -17.15 -2.97 18.06
N PRO C 119 -16.57 -3.21 19.25
CA PRO C 119 -15.52 -4.22 19.35
C PRO C 119 -16.04 -5.66 19.25
N THR C 120 -15.29 -6.51 18.57
CA THR C 120 -15.57 -7.94 18.54
C THR C 120 -14.30 -8.74 18.84
N PRO C 121 -13.95 -8.87 20.15
CA PRO C 121 -12.69 -9.51 20.57
C PRO C 121 -12.58 -10.97 20.18
N LEU C 122 -11.36 -11.39 19.85
CA LEU C 122 -11.07 -12.78 19.51
C LEU C 122 -10.94 -13.63 20.77
N VAL C 123 -10.60 -12.98 21.88
CA VAL C 123 -10.44 -13.65 23.17
C VAL C 123 -11.42 -13.09 24.20
N GLY C 133 -23.81 -8.78 24.93
CA GLY C 133 -25.18 -9.17 24.60
C GLY C 133 -25.27 -9.95 23.30
N LYS C 134 -24.74 -9.38 22.23
CA LYS C 134 -24.83 -9.96 20.89
C LYS C 134 -23.95 -11.18 20.71
N THR C 135 -24.46 -12.17 19.98
CA THR C 135 -23.71 -13.40 19.69
C THR C 135 -22.85 -13.20 18.44
N VAL C 136 -21.82 -14.03 18.28
CA VAL C 136 -20.83 -13.84 17.23
C VAL C 136 -21.43 -13.86 15.80
N GLU C 137 -22.45 -14.67 15.58
CA GLU C 137 -23.10 -14.74 14.25
C GLU C 137 -23.95 -13.49 13.98
N THR C 138 -24.37 -12.81 15.04
CA THR C 138 -25.00 -11.50 14.94
C THR C 138 -23.91 -10.45 14.67
N GLN C 139 -22.84 -10.50 15.46
CA GLN C 139 -21.69 -9.63 15.28
C GLN C 139 -21.07 -9.72 13.87
N VAL C 140 -21.03 -10.92 13.30
CA VAL C 140 -20.58 -11.09 11.91
C VAL C 140 -21.54 -10.44 10.91
N ALA C 141 -22.83 -10.72 11.07
CA ALA C 141 -23.86 -10.24 10.13
C ALA C 141 -23.98 -8.73 10.07
N GLU C 142 -23.86 -8.08 11.23
CA GLU C 142 -23.98 -6.63 11.35
C GLU C 142 -22.79 -5.90 10.72
N LEU C 143 -21.59 -6.28 11.13
CA LEU C 143 -20.37 -5.57 10.76
C LEU C 143 -19.91 -5.82 9.31
N ILE C 144 -20.00 -7.06 8.84
CA ILE C 144 -19.63 -7.37 7.45
C ILE C 144 -20.80 -7.03 6.54
N GLY C 145 -22.01 -7.09 7.09
CA GLY C 145 -23.22 -6.72 6.38
C GLY C 145 -23.27 -5.26 5.98
N THR C 146 -23.26 -4.39 6.99
CA THR C 146 -23.36 -2.94 6.81
C THR C 146 -22.18 -2.35 6.05
N ASN C 147 -20.97 -2.73 6.46
CA ASN C 147 -19.73 -2.19 5.90
C ASN C 147 -19.30 -2.72 4.54
N ALA C 148 -19.75 -3.92 4.15
CA ALA C 148 -19.23 -4.56 2.95
C ALA C 148 -20.26 -5.18 2.00
N ILE C 149 -21.02 -6.15 2.52
CA ILE C 149 -22.00 -6.88 1.71
C ILE C 149 -23.17 -6.00 1.23
N ALA C 150 -23.74 -5.20 2.13
CA ALA C 150 -24.76 -4.21 1.76
C ALA C 150 -24.30 -3.25 0.65
N PRO C 151 -23.15 -2.57 0.85
CA PRO C 151 -22.60 -1.80 -0.27
C PRO C 151 -22.39 -2.57 -1.57
N PHE C 152 -22.16 -3.89 -1.50
CA PHE C 152 -21.98 -4.68 -2.72
C PHE C 152 -23.31 -4.90 -3.43
N LEU C 153 -24.37 -5.08 -2.67
CA LEU C 153 -25.68 -5.39 -3.23
C LEU C 153 -26.36 -4.14 -3.77
N LEU C 154 -26.16 -3.03 -3.08
CA LEU C 154 -26.62 -1.72 -3.54
C LEU C 154 -25.95 -1.33 -4.87
N THR C 155 -24.67 -1.70 -5.00
CA THR C 155 -23.90 -1.46 -6.23
C THR C 155 -24.43 -2.27 -7.42
N MET C 156 -24.85 -3.51 -7.18
CA MET C 156 -25.49 -4.35 -8.19
C MET C 156 -26.80 -3.76 -8.68
N SER C 157 -27.64 -3.36 -7.73
CA SER C 157 -28.95 -2.81 -8.02
C SER C 157 -28.85 -1.47 -8.71
N PHE C 158 -27.88 -0.66 -8.30
CA PHE C 158 -27.59 0.62 -8.94
C PHE C 158 -27.19 0.39 -10.38
N ALA C 159 -26.19 -0.46 -10.59
CA ALA C 159 -25.71 -0.81 -11.92
C ALA C 159 -26.83 -1.39 -12.79
N GLN C 160 -27.60 -2.31 -12.19
CA GLN C 160 -28.72 -2.99 -12.84
C GLN C 160 -29.81 -2.04 -13.35
N ARG C 161 -30.18 -1.06 -12.53
CA ARG C 161 -31.28 -0.15 -12.87
C ARG C 161 -30.95 0.88 -13.95
N GLN C 162 -29.69 0.88 -14.43
CA GLN C 162 -29.29 1.80 -15.50
C GLN C 162 -29.63 1.22 -16.87
N SER C 172 -26.04 11.69 -16.52
CA SER C 172 -25.09 10.77 -17.14
C SER C 172 -23.67 10.90 -16.55
N ASN C 173 -23.57 11.65 -15.47
CA ASN C 173 -22.40 11.62 -14.60
C ASN C 173 -22.68 10.68 -13.42
N LEU C 174 -22.49 9.38 -13.66
CA LEU C 174 -22.84 8.34 -12.71
C LEU C 174 -21.65 7.90 -11.86
N SER C 175 -21.85 7.92 -10.55
CA SER C 175 -20.77 7.60 -9.62
C SER C 175 -21.26 7.02 -8.29
N ILE C 176 -20.43 6.16 -7.70
CA ILE C 176 -20.66 5.64 -6.36
C ILE C 176 -19.51 6.07 -5.44
N VAL C 177 -19.86 6.47 -4.21
CA VAL C 177 -18.86 6.87 -3.22
C VAL C 177 -19.03 6.10 -1.91
N ASN C 178 -18.03 5.27 -1.60
CA ASN C 178 -18.02 4.45 -0.40
C ASN C 178 -17.28 5.13 0.74
N LEU C 179 -17.91 5.27 1.90
CA LEU C 179 -17.21 5.84 3.06
C LEU C 179 -16.32 4.80 3.72
N CYS C 180 -15.01 4.99 3.59
CA CYS C 180 -14.04 3.99 4.01
C CYS C 180 -13.41 4.37 5.34
N ASP C 181 -12.15 3.96 5.53
CA ASP C 181 -11.39 4.28 6.72
C ASP C 181 -9.90 4.42 6.40
N ALA C 182 -9.31 5.52 6.87
CA ALA C 182 -7.90 5.82 6.62
C ALA C 182 -6.98 4.93 7.45
N MET C 183 -7.49 4.48 8.59
CA MET C 183 -6.73 3.69 9.55
C MET C 183 -6.90 2.18 9.37
N VAL C 184 -7.29 1.75 8.18
CA VAL C 184 -7.50 0.32 7.90
C VAL C 184 -6.25 -0.55 8.03
N ASP C 185 -5.08 0.08 8.12
CA ASP C 185 -3.82 -0.64 8.30
C ASP C 185 -3.20 -0.44 9.68
N GLN C 186 -3.81 0.42 10.48
CA GLN C 186 -3.47 0.55 11.91
C GLN C 186 -4.74 0.51 12.75
N PRO C 187 -5.40 -0.67 12.81
CA PRO C 187 -6.77 -0.69 13.30
C PRO C 187 -6.84 -0.63 14.83
N CSX C 188 -8.03 -0.34 15.37
CA CSX C 188 -8.24 -0.32 16.81
CB CSX C 188 -9.61 0.26 17.13
SG CSX C 188 -9.71 2.04 16.78
C CSX C 188 -8.12 -1.72 17.37
O CSX C 188 -8.34 -2.69 16.65
OD CSX C 188 -11.23 2.14 16.50
OD CSX C 188 -9.70 2.64 18.22
N MET C 189 -7.80 -1.82 18.66
CA MET C 189 -7.65 -3.12 19.30
C MET C 189 -9.01 -3.77 19.56
N ALA C 190 -9.10 -5.07 19.25
CA ALA C 190 -10.31 -5.89 19.46
C ALA C 190 -11.45 -5.52 18.52
N PHE C 191 -11.09 -4.95 17.37
CA PHE C 191 -12.05 -4.44 16.39
C PHE C 191 -11.95 -5.17 15.05
N SER C 192 -11.81 -6.50 15.12
CA SER C 192 -11.45 -7.31 13.96
C SER C 192 -12.52 -7.39 12.86
N LEU C 193 -13.76 -7.68 13.24
CA LEU C 193 -14.84 -7.84 12.25
C LEU C 193 -15.15 -6.54 11.49
N TYR C 194 -15.08 -5.42 12.21
CA TYR C 194 -15.25 -4.10 11.59
C TYR C 194 -14.15 -3.81 10.56
N ASN C 195 -12.89 -3.99 10.99
CA ASN C 195 -11.73 -3.78 10.14
C ASN C 195 -11.77 -4.66 8.87
N MET C 196 -12.17 -5.91 9.05
CA MET C 196 -12.38 -6.85 7.96
C MET C 196 -13.39 -6.32 6.95
N GLY C 197 -14.49 -5.76 7.48
CA GLY C 197 -15.52 -5.10 6.68
C GLY C 197 -14.98 -3.92 5.88
N LYS C 198 -14.38 -2.97 6.57
CA LYS C 198 -13.79 -1.79 5.91
C LYS C 198 -12.76 -2.17 4.85
N HIS C 199 -12.00 -3.22 5.10
CA HIS C 199 -11.04 -3.72 4.13
C HIS C 199 -11.73 -4.24 2.87
N ALA C 200 -12.88 -4.88 3.05
CA ALA C 200 -13.63 -5.41 1.90
C ALA C 200 -14.23 -4.29 1.07
N LEU C 201 -14.51 -3.15 1.71
CA LEU C 201 -15.01 -1.97 1.01
C LEU C 201 -14.00 -1.40 0.01
N VAL C 202 -12.72 -1.46 0.37
CA VAL C 202 -11.61 -1.13 -0.54
C VAL C 202 -11.62 -2.09 -1.75
N GLY C 203 -11.83 -3.37 -1.49
CA GLY C 203 -11.89 -4.39 -2.54
C GLY C 203 -13.05 -4.24 -3.49
N LEU C 204 -14.19 -3.81 -2.94
CA LEU C 204 -15.39 -3.48 -3.72
C LEU C 204 -15.18 -2.24 -4.57
N THR C 205 -14.68 -1.17 -3.95
CA THR C 205 -14.39 0.08 -4.66
C THR C 205 -13.47 -0.19 -5.86
N GLN C 206 -12.43 -1.00 -5.64
CA GLN C 206 -11.48 -1.37 -6.69
C GLN C 206 -12.07 -2.24 -7.81
N SER C 207 -12.77 -3.31 -7.43
CA SER C 207 -13.40 -4.23 -8.37
C SER C 207 -14.63 -3.66 -9.09
N ALA C 208 -15.49 -2.94 -8.37
CA ALA C 208 -16.67 -2.32 -8.98
C ALA C 208 -16.31 -1.23 -9.98
N ALA C 209 -15.22 -0.52 -9.70
CA ALA C 209 -14.74 0.56 -10.56
C ALA C 209 -14.32 0.01 -11.91
N LEU C 210 -13.54 -1.06 -11.87
CA LEU C 210 -13.00 -1.73 -13.06
C LEU C 210 -14.09 -2.32 -13.94
N GLU C 211 -15.06 -2.99 -13.31
CA GLU C 211 -16.13 -3.68 -14.03
C GLU C 211 -17.19 -2.71 -14.55
N LEU C 212 -17.50 -1.69 -13.76
CA LEU C 212 -18.52 -0.70 -14.14
C LEU C 212 -17.97 0.45 -14.99
N ALA C 213 -16.68 0.39 -15.33
CA ALA C 213 -16.04 1.43 -16.14
C ALA C 213 -16.60 1.57 -17.56
N PRO C 214 -16.83 0.44 -18.29
CA PRO C 214 -17.40 0.57 -19.64
C PRO C 214 -18.89 0.98 -19.66
N TYR C 215 -19.50 1.14 -18.49
CA TYR C 215 -20.87 1.64 -18.42
C TYR C 215 -20.91 3.09 -17.98
N GLY C 216 -19.72 3.67 -17.78
CA GLY C 216 -19.58 5.07 -17.41
C GLY C 216 -19.88 5.36 -15.94
N ILE C 217 -19.86 4.32 -15.11
CA ILE C 217 -20.07 4.46 -13.68
C ILE C 217 -18.74 4.51 -12.94
N ARG C 218 -18.53 5.58 -12.19
CA ARG C 218 -17.30 5.77 -11.44
C ARG C 218 -17.51 5.32 -10.00
N VAL C 219 -16.62 4.48 -9.52
CA VAL C 219 -16.68 4.04 -8.13
C VAL C 219 -15.45 4.57 -7.44
N ASN C 220 -15.65 5.24 -6.32
CA ASN C 220 -14.60 5.94 -5.59
C ASN C 220 -14.86 5.95 -4.08
N GLY C 221 -13.86 6.33 -3.30
CA GLY C 221 -13.99 6.28 -1.84
C GLY C 221 -13.45 7.49 -1.11
N VAL C 222 -13.94 7.69 0.11
CA VAL C 222 -13.52 8.77 1.00
C VAL C 222 -13.21 8.17 2.37
N ALA C 223 -11.99 8.37 2.85
CA ALA C 223 -11.52 7.72 4.07
C ALA C 223 -11.21 8.71 5.21
N PRO C 224 -12.15 8.85 6.16
CA PRO C 224 -11.89 9.70 7.34
C PRO C 224 -10.95 9.06 8.36
N GLY C 225 -10.11 9.88 8.98
CA GLY C 225 -9.33 9.45 10.14
C GLY C 225 -10.25 9.45 11.35
N VAL C 226 -10.16 10.51 12.15
CA VAL C 226 -11.16 10.74 13.18
C VAL C 226 -11.99 11.98 12.83
N SER C 227 -13.31 11.77 12.76
CA SER C 227 -14.25 12.86 12.49
CA SER C 227 -14.25 12.86 12.49
C SER C 227 -15.15 13.02 13.71
N LEU C 228 -16.45 13.17 13.48
CA LEU C 228 -17.39 13.15 14.59
C LEU C 228 -17.05 11.91 15.41
N LEU C 229 -16.68 12.13 16.67
CA LEU C 229 -16.36 11.05 17.59
C LEU C 229 -17.65 10.42 18.12
N PRO C 230 -17.60 9.16 18.56
CA PRO C 230 -18.84 8.47 18.98
C PRO C 230 -19.53 9.12 20.19
N VAL C 231 -20.85 8.96 20.24
CA VAL C 231 -21.69 9.56 21.29
C VAL C 231 -21.37 9.01 22.68
N ALA C 232 -20.86 7.77 22.73
CA ALA C 232 -20.52 7.10 23.98
C ALA C 232 -19.23 7.61 24.62
N MET C 233 -18.30 8.07 23.80
CA MET C 233 -16.99 8.55 24.25
C MET C 233 -17.05 9.73 25.21
N GLY C 234 -16.24 9.68 26.27
CA GLY C 234 -16.13 10.77 27.24
C GLY C 234 -15.27 11.89 26.72
N GLU C 235 -15.26 13.04 27.43
CA GLU C 235 -14.48 14.21 27.02
C GLU C 235 -12.97 13.99 27.12
N GLU C 236 -12.55 13.16 28.07
CA GLU C 236 -11.15 12.82 28.26
C GLU C 236 -10.60 11.95 27.13
N GLU C 237 -11.40 10.97 26.70
CA GLU C 237 -11.01 10.05 25.64
C GLU C 237 -11.05 10.71 24.26
N LYS C 238 -11.99 11.63 24.06
CA LYS C 238 -12.11 12.39 22.82
C LYS C 238 -10.94 13.34 22.61
N ASP C 239 -10.52 13.99 23.70
CA ASP C 239 -9.37 14.89 23.71
C ASP C 239 -8.09 14.14 23.41
N LYS C 240 -7.97 12.94 23.98
CA LYS C 240 -6.81 12.06 23.81
C LYS C 240 -6.55 11.73 22.33
N TRP C 241 -7.63 11.51 21.58
CA TRP C 241 -7.55 11.25 20.15
C TRP C 241 -7.26 12.52 19.34
N ARG C 242 -7.80 13.65 19.80
CA ARG C 242 -7.60 14.94 19.13
C ARG C 242 -6.13 15.35 19.09
N ARG C 243 -5.41 15.11 20.18
CA ARG C 243 -3.99 15.45 20.31
C ARG C 243 -3.08 14.65 19.38
N LYS C 244 -3.60 13.53 18.86
CA LYS C 244 -2.87 12.67 17.92
C LYS C 244 -2.83 13.26 16.51
N VAL C 245 -3.80 14.11 16.20
CA VAL C 245 -3.96 14.69 14.87
C VAL C 245 -2.90 15.77 14.60
N PRO C 246 -2.08 15.56 13.56
CA PRO C 246 -1.04 16.54 13.17
C PRO C 246 -1.60 17.91 12.75
N LEU C 247 -2.58 17.90 11.85
CA LEU C 247 -3.18 19.13 11.31
C LEU C 247 -4.31 19.64 12.19
N GLY C 248 -3.98 20.59 13.07
CA GLY C 248 -4.97 21.31 13.85
C GLY C 248 -5.22 20.81 15.26
N ARG C 249 -4.72 19.60 15.55
CA ARG C 249 -5.00 18.91 16.81
C ARG C 249 -6.50 18.84 17.14
N ARG C 250 -7.29 18.49 16.13
CA ARG C 250 -8.73 18.28 16.26
C ARG C 250 -9.27 17.32 15.20
N GLU C 251 -10.49 16.84 15.42
CA GLU C 251 -11.16 15.96 14.46
C GLU C 251 -11.74 16.78 13.30
N ALA C 252 -12.13 16.10 12.23
CA ALA C 252 -12.80 16.75 11.12
C ALA C 252 -14.27 16.98 11.46
N SER C 253 -14.83 18.05 10.91
CA SER C 253 -16.27 18.23 10.88
C SER C 253 -16.84 17.30 9.81
N ALA C 254 -18.14 17.00 9.90
CA ALA C 254 -18.80 16.18 8.89
C ALA C 254 -18.90 16.93 7.57
N GLU C 255 -18.89 18.27 7.66
CA GLU C 255 -18.87 19.14 6.49
C GLU C 255 -17.60 18.94 5.67
N GLN C 256 -16.50 18.69 6.38
CA GLN C 256 -15.20 18.47 5.73
C GLN C 256 -15.12 17.11 5.05
N ILE C 257 -15.77 16.10 5.64
CA ILE C 257 -15.86 14.79 5.00
C ILE C 257 -16.75 14.88 3.76
N ALA C 258 -17.91 15.53 3.93
CA ALA C 258 -18.88 15.72 2.85
C ALA C 258 -18.28 16.43 1.64
N ASP C 259 -17.38 17.39 1.90
CA ASP C 259 -16.73 18.15 0.83
C ASP C 259 -15.98 17.27 -0.19
N ALA C 260 -15.32 16.22 0.27
CA ALA C 260 -14.61 15.30 -0.63
C ALA C 260 -15.58 14.48 -1.46
N VAL C 261 -16.75 14.21 -0.88
CA VAL C 261 -17.81 13.44 -1.54
C VAL C 261 -18.35 14.25 -2.71
N ILE C 262 -18.66 15.52 -2.44
CA ILE C 262 -19.18 16.45 -3.46
C ILE C 262 -18.18 16.57 -4.60
N PHE C 263 -16.89 16.67 -4.25
CA PHE C 263 -15.84 16.67 -5.25
C PHE C 263 -15.95 15.44 -6.14
N LEU C 264 -15.97 14.26 -5.51
CA LEU C 264 -15.94 12.98 -6.21
C LEU C 264 -17.12 12.69 -7.15
N VAL C 265 -18.28 13.28 -6.85
CA VAL C 265 -19.45 13.20 -7.73
C VAL C 265 -19.58 14.37 -8.71
N SER C 266 -18.74 15.40 -8.58
CA SER C 266 -18.80 16.57 -9.49
C SER C 266 -18.18 16.30 -10.87
N GLY C 267 -18.35 17.25 -11.78
CA GLY C 267 -17.75 17.20 -13.11
C GLY C 267 -16.26 17.44 -13.11
N SER C 268 -15.70 17.74 -11.94
CA SER C 268 -14.26 17.91 -11.74
C SER C 268 -13.53 16.58 -11.56
N ALA C 269 -14.29 15.50 -11.33
CA ALA C 269 -13.69 14.18 -11.12
C ALA C 269 -13.99 13.12 -12.19
N GLN C 270 -14.44 13.56 -13.36
CA GLN C 270 -14.86 12.66 -14.47
C GLN C 270 -13.92 11.52 -14.81
N TYR C 271 -12.61 11.71 -14.61
CA TYR C 271 -11.60 10.70 -14.95
C TYR C 271 -11.14 9.92 -13.71
N ILE C 272 -11.56 10.37 -12.52
CA ILE C 272 -11.24 9.70 -11.27
C ILE C 272 -12.21 8.53 -10.97
N THR C 273 -11.64 7.31 -10.87
CA THR C 273 -12.38 6.08 -10.54
C THR C 273 -11.44 5.07 -9.86
N GLY C 274 -11.95 4.33 -8.88
CA GLY C 274 -11.11 3.39 -8.13
C GLY C 274 -10.18 4.05 -7.12
N SER C 275 -10.43 5.32 -6.84
CA SER C 275 -9.58 6.10 -5.94
C SER C 275 -10.21 6.26 -4.56
N ILE C 276 -9.38 6.23 -3.53
CA ILE C 276 -9.83 6.49 -2.16
C ILE C 276 -9.16 7.73 -1.56
N ILE C 277 -9.95 8.79 -1.38
CA ILE C 277 -9.44 10.05 -0.84
C ILE C 277 -9.45 10.04 0.70
N LYS C 278 -8.27 9.85 1.26
CA LYS C 278 -8.02 9.98 2.69
C LYS C 278 -8.27 11.43 3.13
N VAL C 279 -9.14 11.61 4.13
CA VAL C 279 -9.45 12.95 4.69
C VAL C 279 -9.18 12.94 6.21
N ASP C 280 -7.92 12.74 6.58
CA ASP C 280 -7.57 12.39 7.97
C ASP C 280 -6.77 13.43 8.78
N GLY C 281 -6.30 14.47 8.10
CA GLY C 281 -5.41 15.45 8.71
C GLY C 281 -4.07 14.86 9.12
N GLY C 282 -3.62 13.87 8.37
CA GLY C 282 -2.31 13.23 8.61
C GLY C 282 -2.26 12.22 9.75
N LEU C 283 -3.42 11.88 10.33
CA LEU C 283 -3.48 10.93 11.43
C LEU C 283 -2.82 9.58 11.12
N SER C 284 -3.01 9.09 9.90
CA SER C 284 -2.48 7.78 9.49
C SER C 284 -0.96 7.78 9.28
N LEU C 285 -0.38 8.97 9.21
CA LEU C 285 1.08 9.12 9.12
C LEU C 285 1.78 9.02 10.47
N VAL C 286 1.05 9.24 11.56
CA VAL C 286 1.66 9.23 12.90
C VAL C 286 2.00 7.80 13.35
N HIS C 287 3.28 7.58 13.67
CA HIS C 287 3.73 6.28 14.18
C HIS C 287 3.34 6.10 15.64
N ALA C 288 3.33 4.86 16.11
CA ALA C 288 2.92 4.51 17.47
C ALA C 288 3.55 5.38 18.55
N GLU D 22 7.10 -34.42 22.79
CA GLU D 22 5.84 -34.48 22.00
C GLU D 22 5.93 -33.59 20.76
N ALA D 23 5.42 -34.10 19.63
CA ALA D 23 5.38 -33.35 18.37
C ALA D 23 4.34 -32.22 18.41
N PRO D 24 4.48 -31.20 17.53
CA PRO D 24 3.44 -30.19 17.42
C PRO D 24 2.36 -30.58 16.41
N ALA D 25 1.21 -29.90 16.46
CA ALA D 25 0.10 -30.20 15.53
C ALA D 25 -0.32 -28.99 14.69
N ALA D 26 -0.94 -29.27 13.55
CA ALA D 26 -1.33 -28.22 12.61
C ALA D 26 -2.63 -28.54 11.87
N VAL D 27 -3.58 -27.61 11.93
CA VAL D 27 -4.81 -27.67 11.12
C VAL D 27 -4.56 -26.94 9.79
N VAL D 28 -4.83 -27.65 8.69
CA VAL D 28 -4.75 -27.07 7.35
C VAL D 28 -6.10 -27.29 6.68
N THR D 29 -6.80 -26.19 6.36
CA THR D 29 -8.10 -26.29 5.72
C THR D 29 -7.98 -26.58 4.22
N GLY D 30 -8.97 -27.28 3.68
CA GLY D 30 -8.97 -27.67 2.28
C GLY D 30 -7.64 -28.28 1.88
N ALA D 31 -7.27 -29.37 2.54
CA ALA D 31 -5.94 -29.97 2.39
C ALA D 31 -5.91 -31.24 1.54
N ALA D 32 -7.02 -31.54 0.87
CA ALA D 32 -7.11 -32.77 0.11
C ALA D 32 -6.35 -32.68 -1.20
N LYS D 33 -6.30 -31.47 -1.77
CA LYS D 33 -5.76 -31.27 -3.12
C LYS D 33 -4.92 -30.02 -3.26
N ARG D 34 -4.06 -30.01 -4.29
CA ARG D 34 -3.31 -28.84 -4.76
C ARG D 34 -2.42 -28.20 -3.68
N ILE D 35 -2.55 -26.88 -3.49
CA ILE D 35 -1.69 -26.15 -2.56
C ILE D 35 -1.84 -26.65 -1.13
N GLY D 36 -3.08 -26.83 -0.68
CA GLY D 36 -3.39 -27.37 0.65
C GLY D 36 -2.74 -28.70 0.93
N ARG D 37 -2.74 -29.59 -0.06
CA ARG D 37 -2.11 -30.91 0.06
C ARG D 37 -0.62 -30.75 0.35
N ALA D 38 0.06 -29.99 -0.51
CA ALA D 38 1.49 -29.69 -0.39
C ALA D 38 1.88 -29.05 0.94
N ILE D 39 1.00 -28.18 1.48
CA ILE D 39 1.24 -27.54 2.78
C ILE D 39 1.29 -28.61 3.89
N ALA D 40 0.33 -29.52 3.84
CA ALA D 40 0.22 -30.60 4.81
C ALA D 40 1.38 -31.60 4.72
N VAL D 41 1.68 -32.04 3.50
CA VAL D 41 2.80 -32.95 3.21
C VAL D 41 4.12 -32.38 3.73
N LYS D 42 4.34 -31.08 3.56
CA LYS D 42 5.57 -30.42 4.02
C LYS D 42 5.61 -30.18 5.52
N LEU D 43 4.46 -29.80 6.08
CA LEU D 43 4.36 -29.64 7.53
C LEU D 43 4.56 -30.98 8.23
N HIS D 44 4.02 -32.04 7.62
CA HIS D 44 4.22 -33.41 8.09
C HIS D 44 5.69 -33.81 8.02
N GLN D 45 6.34 -33.49 6.91
CA GLN D 45 7.76 -33.79 6.71
C GLN D 45 8.66 -33.04 7.69
N THR D 46 8.19 -31.91 8.17
CA THR D 46 8.90 -31.10 9.16
C THR D 46 8.76 -31.73 10.56
N GLY D 47 7.73 -32.56 10.72
CA GLY D 47 7.52 -33.27 11.99
C GLY D 47 6.20 -32.95 12.66
N TYR D 48 5.33 -32.23 11.95
CA TYR D 48 4.01 -31.87 12.46
C TYR D 48 3.02 -33.02 12.33
N ARG D 49 2.14 -33.13 13.30
CA ARG D 49 0.96 -33.97 13.16
C ARG D 49 -0.14 -33.10 12.58
N VAL D 50 -0.73 -33.52 11.46
CA VAL D 50 -1.69 -32.68 10.74
C VAL D 50 -3.17 -33.09 10.89
N VAL D 51 -4.05 -32.09 10.84
CA VAL D 51 -5.48 -32.30 10.63
C VAL D 51 -5.80 -31.88 9.20
N ILE D 52 -6.31 -32.81 8.41
CA ILE D 52 -6.63 -32.56 7.01
C ILE D 52 -8.12 -32.22 6.87
N HIS D 53 -8.42 -30.94 6.73
CA HIS D 53 -9.79 -30.50 6.45
C HIS D 53 -10.10 -30.64 4.96
N TYR D 54 -11.33 -31.05 4.67
CA TYR D 54 -11.83 -31.12 3.30
C TYR D 54 -13.31 -30.79 3.30
N HIS D 55 -13.89 -30.70 2.11
CA HIS D 55 -15.31 -30.42 1.96
C HIS D 55 -15.97 -31.48 1.08
N ASN D 56 -15.60 -31.51 -0.21
CA ASN D 56 -16.12 -32.49 -1.14
C ASN D 56 -15.16 -33.63 -1.45
N SER D 57 -13.86 -33.34 -1.46
CA SER D 57 -12.83 -34.33 -1.86
C SER D 57 -12.52 -35.33 -0.74
N ALA D 58 -13.48 -36.21 -0.46
CA ALA D 58 -13.36 -37.18 0.63
C ALA D 58 -12.33 -38.27 0.35
N GLU D 59 -12.26 -38.71 -0.90
CA GLU D 59 -11.36 -39.79 -1.31
C GLU D 59 -9.88 -39.37 -1.24
N ALA D 60 -9.57 -38.22 -1.83
CA ALA D 60 -8.23 -37.65 -1.82
C ALA D 60 -7.77 -37.32 -0.41
N ALA D 61 -8.67 -36.74 0.39
CA ALA D 61 -8.34 -36.41 1.77
C ALA D 61 -7.95 -37.66 2.56
N VAL D 62 -8.73 -38.73 2.41
CA VAL D 62 -8.53 -39.96 3.17
C VAL D 62 -7.27 -40.72 2.74
N SER D 63 -7.05 -40.84 1.44
CA SER D 63 -5.87 -41.54 0.92
C SER D 63 -4.58 -40.79 1.21
N LEU D 64 -4.68 -39.48 1.44
CA LEU D 64 -3.54 -38.67 1.88
C LEU D 64 -3.18 -38.97 3.33
N ALA D 65 -4.18 -38.94 4.21
CA ALA D 65 -4.00 -39.26 5.63
C ALA D 65 -3.48 -40.69 5.80
N ASP D 66 -3.90 -41.58 4.91
CA ASP D 66 -3.43 -42.96 4.86
C ASP D 66 -1.94 -43.00 4.52
N GLU D 67 -1.55 -42.22 3.51
CA GLU D 67 -0.17 -42.11 3.05
C GLU D 67 0.73 -41.49 4.11
N LEU D 68 0.20 -40.51 4.84
CA LEU D 68 0.96 -39.83 5.89
C LEU D 68 1.13 -40.69 7.13
N ASN D 69 0.07 -41.44 7.47
CA ASN D 69 0.12 -42.38 8.59
C ASN D 69 1.02 -43.59 8.34
N LYS D 70 1.14 -43.98 7.08
CA LYS D 70 1.96 -45.13 6.68
C LYS D 70 3.43 -45.03 7.06
N GLU D 71 4.01 -43.84 7.02
CA GLU D 71 5.41 -43.68 7.46
C GLU D 71 5.61 -43.02 8.82
N ARG D 72 4.54 -42.52 9.42
CA ARG D 72 4.52 -42.17 10.84
C ARG D 72 3.15 -42.46 11.44
N SER D 73 3.10 -43.44 12.34
CA SER D 73 1.82 -43.90 12.91
C SER D 73 1.09 -42.83 13.75
N ASN D 74 -0.20 -42.66 13.43
CA ASN D 74 -1.11 -41.70 14.09
C ASN D 74 -0.61 -40.25 14.09
N THR D 75 -0.34 -39.73 12.90
CA THR D 75 0.14 -38.36 12.73
C THR D 75 -0.78 -37.50 11.86
N ALA D 76 -1.77 -38.15 11.23
CA ALA D 76 -2.74 -37.45 10.41
C ALA D 76 -4.16 -37.89 10.74
N VAL D 77 -5.09 -36.94 10.70
CA VAL D 77 -6.53 -37.21 10.85
C VAL D 77 -7.29 -36.34 9.85
N VAL D 78 -8.47 -36.81 9.41
CA VAL D 78 -9.31 -36.02 8.50
C VAL D 78 -10.48 -35.36 9.23
N CYS D 79 -11.06 -34.33 8.62
CA CYS D 79 -12.19 -33.60 9.20
C CYS D 79 -12.96 -32.84 8.13
N GLN D 80 -14.21 -33.22 7.92
CA GLN D 80 -15.05 -32.59 6.89
C GLN D 80 -15.94 -31.50 7.47
N ALA D 81 -15.94 -30.36 6.80
CA ALA D 81 -16.86 -29.27 7.10
C ALA D 81 -17.10 -28.38 5.88
N ASP D 82 -18.33 -27.88 5.74
CA ASP D 82 -18.60 -26.77 4.84
C ASP D 82 -18.30 -25.48 5.60
N LEU D 83 -17.56 -24.59 4.96
CA LEU D 83 -17.10 -23.35 5.59
C LEU D 83 -17.90 -22.15 5.11
N THR D 84 -18.94 -22.41 4.32
CA THR D 84 -19.90 -21.40 3.87
C THR D 84 -20.58 -20.74 5.05
N ASN D 85 -20.85 -19.44 4.93
CA ASN D 85 -21.47 -18.68 6.01
C ASN D 85 -22.90 -19.11 6.31
N SER D 86 -23.17 -19.27 7.61
CA SER D 86 -24.47 -19.73 8.13
C SER D 86 -24.50 -19.48 9.64
N ASN D 87 -25.65 -19.69 10.27
CA ASN D 87 -25.76 -19.61 11.73
C ASN D 87 -25.07 -20.79 12.44
N VAL D 88 -24.59 -21.77 11.66
CA VAL D 88 -23.90 -22.95 12.19
C VAL D 88 -22.37 -22.94 11.97
N LEU D 89 -21.86 -21.95 11.25
CA LEU D 89 -20.43 -21.87 10.95
C LEU D 89 -19.55 -21.72 12.20
N PRO D 90 -19.94 -20.87 13.16
CA PRO D 90 -19.14 -20.78 14.39
C PRO D 90 -18.92 -22.16 15.03
N ALA D 91 -19.98 -22.97 15.08
CA ALA D 91 -19.92 -24.33 15.61
C ALA D 91 -19.06 -25.25 14.74
N SER D 92 -19.23 -25.16 13.41
CA SER D 92 -18.42 -25.91 12.46
C SER D 92 -16.93 -25.66 12.67
N CYS D 93 -16.59 -24.39 12.85
CA CYS D 93 -15.20 -23.97 13.02
C CYS D 93 -14.61 -24.41 14.35
N GLU D 94 -15.43 -24.45 15.39
CA GLU D 94 -14.95 -24.87 16.70
C GLU D 94 -14.61 -26.36 16.72
N GLU D 95 -15.38 -27.15 15.98
CA GLU D 95 -15.16 -28.59 15.86
C GLU D 95 -13.83 -28.90 15.17
N ILE D 96 -13.48 -28.13 14.14
CA ILE D 96 -12.23 -28.34 13.40
C ILE D 96 -11.04 -28.11 14.32
N ILE D 97 -11.12 -27.07 15.15
CA ILE D 97 -10.11 -26.79 16.16
C ILE D 97 -10.14 -27.88 17.24
N ASN D 98 -11.35 -28.33 17.55
CA ASN D 98 -11.59 -29.38 18.54
C ASN D 98 -11.01 -30.72 18.11
N SER D 99 -11.20 -31.05 16.84
CA SER D 99 -10.65 -32.27 16.25
C SER D 99 -9.14 -32.39 16.47
N CYS D 100 -8.43 -31.26 16.41
CA CYS D 100 -6.98 -31.23 16.59
C CYS D 100 -6.57 -31.55 18.02
N PHE D 101 -7.29 -30.97 18.99
CA PHE D 101 -7.04 -31.24 20.41
C PHE D 101 -7.45 -32.66 20.81
N ARG D 102 -8.46 -33.20 20.12
CA ARG D 102 -8.91 -34.56 20.37
C ARG D 102 -7.89 -35.55 19.84
N ALA D 103 -7.45 -35.33 18.60
CA ALA D 103 -6.48 -36.20 17.95
C ALA D 103 -5.10 -36.10 18.57
N PHE D 104 -4.64 -34.89 18.85
CA PHE D 104 -3.24 -34.67 19.21
C PHE D 104 -2.98 -34.02 20.56
N GLY D 105 -4.04 -33.50 21.20
CA GLY D 105 -3.91 -32.91 22.54
C GLY D 105 -3.37 -31.50 22.56
N ARG D 106 -3.19 -30.92 21.38
CA ARG D 106 -2.63 -29.58 21.21
C ARG D 106 -2.91 -29.04 19.81
N CYS D 107 -2.94 -27.72 19.68
CA CYS D 107 -3.05 -27.07 18.37
C CYS D 107 -2.06 -25.92 18.31
N ASP D 108 -1.01 -26.11 17.51
CA ASP D 108 0.10 -25.17 17.43
C ASP D 108 0.03 -24.24 16.22
N VAL D 109 -0.42 -24.78 15.09
CA VAL D 109 -0.50 -24.02 13.83
C VAL D 109 -1.87 -24.18 13.15
N LEU D 110 -2.42 -23.07 12.67
CA LEU D 110 -3.62 -23.08 11.84
C LEU D 110 -3.27 -22.44 10.49
N VAL D 111 -3.58 -23.15 9.41
CA VAL D 111 -3.34 -22.65 8.05
C VAL D 111 -4.69 -22.48 7.36
N ASN D 112 -5.14 -21.24 7.24
CA ASN D 112 -6.37 -20.95 6.52
C ASN D 112 -6.14 -20.97 5.01
N ASN D 113 -6.59 -22.04 4.36
CA ASN D 113 -6.29 -22.30 2.95
C ASN D 113 -7.52 -22.51 2.06
N ALA D 114 -8.58 -23.09 2.62
CA ALA D 114 -9.82 -23.37 1.89
C ALA D 114 -10.40 -22.11 1.25
N SER D 115 -10.87 -22.23 0.00
CA SER D 115 -11.31 -21.06 -0.76
C SER D 115 -12.22 -21.35 -1.96
N ALA D 116 -13.37 -20.69 -1.97
CA ALA D 116 -14.26 -20.67 -3.12
C ALA D 116 -13.75 -19.63 -4.14
N PHE D 117 -13.76 -20.00 -5.42
CA PHE D 117 -13.23 -19.15 -6.49
C PHE D 117 -14.06 -19.24 -7.78
N TYR D 118 -15.00 -18.32 -7.96
CA TYR D 118 -15.82 -18.25 -9.19
C TYR D 118 -16.29 -16.83 -9.47
N PRO D 119 -16.62 -16.53 -10.74
CA PRO D 119 -17.11 -15.19 -11.12
C PRO D 119 -18.46 -14.81 -10.50
N THR D 120 -18.54 -13.60 -9.96
CA THR D 120 -19.83 -13.01 -9.53
C THR D 120 -19.99 -11.62 -10.13
N PRO D 121 -20.42 -11.54 -11.41
CA PRO D 121 -20.62 -10.25 -12.09
C PRO D 121 -21.69 -9.39 -11.42
N LEU D 122 -21.47 -8.07 -11.45
CA LEU D 122 -22.43 -7.10 -10.93
C LEU D 122 -23.61 -6.92 -11.89
N VAL D 123 -23.35 -7.06 -13.20
CA VAL D 123 -24.37 -6.86 -14.22
C VAL D 123 -24.56 -8.14 -15.04
N GLY D 133 -25.87 -20.78 -11.72
CA GLY D 133 -26.98 -21.43 -11.04
C GLY D 133 -27.27 -20.87 -9.66
N LYS D 134 -26.21 -20.54 -8.92
CA LYS D 134 -26.31 -20.07 -7.55
C LYS D 134 -26.92 -18.67 -7.45
N THR D 135 -27.72 -18.46 -6.40
CA THR D 135 -28.28 -17.12 -6.12
C THR D 135 -27.21 -16.22 -5.49
N VAL D 136 -27.47 -14.92 -5.45
CA VAL D 136 -26.48 -13.97 -4.96
C VAL D 136 -26.20 -14.16 -3.45
N GLU D 137 -27.22 -14.53 -2.69
CA GLU D 137 -27.05 -14.76 -1.25
C GLU D 137 -26.22 -16.01 -0.98
N THR D 138 -26.23 -16.94 -1.95
CA THR D 138 -25.40 -18.14 -1.91
C THR D 138 -23.95 -17.76 -2.22
N GLN D 139 -23.79 -17.00 -3.31
CA GLN D 139 -22.50 -16.42 -3.71
C GLN D 139 -21.82 -15.65 -2.57
N VAL D 140 -22.57 -14.76 -1.92
CA VAL D 140 -22.08 -14.00 -0.78
C VAL D 140 -21.57 -14.95 0.31
N ALA D 141 -22.44 -15.86 0.76
CA ALA D 141 -22.11 -16.85 1.78
C ALA D 141 -20.87 -17.68 1.43
N GLU D 142 -20.80 -18.18 0.20
CA GLU D 142 -19.69 -19.06 -0.19
C GLU D 142 -18.35 -18.35 -0.30
N LEU D 143 -18.36 -17.17 -0.92
CA LEU D 143 -17.12 -16.42 -1.15
C LEU D 143 -16.60 -15.66 0.08
N ILE D 144 -17.48 -14.93 0.76
CA ILE D 144 -17.09 -14.22 1.97
C ILE D 144 -16.87 -15.21 3.12
N GLY D 145 -17.71 -16.25 3.16
CA GLY D 145 -17.62 -17.31 4.15
C GLY D 145 -16.29 -18.04 4.16
N THR D 146 -15.91 -18.60 3.01
CA THR D 146 -14.67 -19.39 2.91
C THR D 146 -13.42 -18.54 3.05
N ASN D 147 -13.45 -17.33 2.49
CA ASN D 147 -12.26 -16.50 2.38
C ASN D 147 -11.97 -15.58 3.56
N ALA D 148 -12.97 -15.32 4.38
CA ALA D 148 -12.85 -14.32 5.43
C ALA D 148 -13.51 -14.73 6.76
N ILE D 149 -14.81 -15.00 6.72
CA ILE D 149 -15.57 -15.29 7.93
C ILE D 149 -15.07 -16.56 8.65
N ALA D 150 -14.99 -17.67 7.92
CA ALA D 150 -14.46 -18.91 8.53
C ALA D 150 -13.06 -18.71 9.14
N PRO D 151 -12.08 -18.22 8.34
CA PRO D 151 -10.79 -17.85 8.95
C PRO D 151 -10.89 -17.04 10.25
N PHE D 152 -11.88 -16.17 10.35
CA PHE D 152 -12.06 -15.35 11.55
C PHE D 152 -12.49 -16.20 12.74
N LEU D 153 -13.50 -17.04 12.53
CA LEU D 153 -14.02 -17.91 13.60
C LEU D 153 -13.05 -19.01 14.01
N LEU D 154 -12.33 -19.54 13.03
CA LEU D 154 -11.27 -20.52 13.27
C LEU D 154 -10.13 -19.93 14.09
N THR D 155 -9.87 -18.64 13.91
CA THR D 155 -8.89 -17.91 14.69
C THR D 155 -9.38 -17.71 16.14
N MET D 156 -10.64 -17.31 16.28
CA MET D 156 -11.30 -17.17 17.59
C MET D 156 -11.16 -18.43 18.43
N SER D 157 -11.62 -19.54 17.86
CA SER D 157 -11.54 -20.86 18.48
C SER D 157 -10.09 -21.23 18.77
N PHE D 158 -9.22 -21.07 17.78
CA PHE D 158 -7.80 -21.38 17.94
C PHE D 158 -7.21 -20.66 19.15
N ALA D 159 -7.48 -19.35 19.23
CA ALA D 159 -6.97 -18.49 20.30
C ALA D 159 -7.60 -18.78 21.65
N GLN D 160 -8.87 -19.17 21.64
CA GLN D 160 -9.59 -19.39 22.89
C GLN D 160 -9.22 -20.72 23.53
N ARG D 161 -8.80 -21.68 22.70
CA ARG D 161 -8.38 -23.00 23.17
C ARG D 161 -6.99 -22.99 23.79
N GLN D 162 -6.24 -21.92 23.57
CA GLN D 162 -4.92 -21.76 24.17
C GLN D 162 -5.05 -21.27 25.61
N SER D 172 6.93 -20.90 23.45
CA SER D 172 6.28 -21.78 22.49
C SER D 172 6.44 -21.25 21.05
N ASN D 173 5.70 -21.84 20.12
CA ASN D 173 5.71 -21.38 18.73
C ASN D 173 4.31 -21.45 18.09
N LEU D 174 3.37 -20.67 18.63
CA LEU D 174 2.00 -20.62 18.11
C LEU D 174 1.85 -19.57 17.01
N SER D 175 1.29 -19.98 15.88
CA SER D 175 1.17 -19.08 14.73
C SER D 175 0.10 -19.50 13.75
N ILE D 176 -0.60 -18.51 13.20
CA ILE D 176 -1.60 -18.72 12.18
C ILE D 176 -1.06 -18.15 10.85
N VAL D 177 -1.43 -18.81 9.74
CA VAL D 177 -1.01 -18.41 8.40
C VAL D 177 -2.22 -18.42 7.47
N ASN D 178 -2.48 -17.27 6.85
CA ASN D 178 -3.58 -17.13 5.91
C ASN D 178 -3.07 -17.10 4.49
N LEU D 179 -3.71 -17.85 3.60
CA LEU D 179 -3.34 -17.85 2.19
C LEU D 179 -4.11 -16.73 1.47
N CYS D 180 -3.38 -15.68 1.10
CA CYS D 180 -3.99 -14.48 0.56
C CYS D 180 -3.86 -14.42 -0.97
N ASP D 181 -3.85 -13.19 -1.49
CA ASP D 181 -3.74 -12.96 -2.91
C ASP D 181 -2.76 -11.81 -3.21
N ALA D 182 -1.79 -12.09 -4.06
CA ALA D 182 -0.83 -11.07 -4.51
C ALA D 182 -1.51 -9.99 -5.36
N MET D 183 -2.61 -10.35 -6.02
CA MET D 183 -3.28 -9.49 -6.99
C MET D 183 -4.55 -8.79 -6.47
N VAL D 184 -4.66 -8.65 -5.15
CA VAL D 184 -5.83 -8.02 -4.50
C VAL D 184 -6.18 -6.61 -4.99
N ASP D 185 -5.19 -5.90 -5.51
CA ASP D 185 -5.38 -4.53 -5.99
C ASP D 185 -5.38 -4.45 -7.53
N GLN D 186 -5.03 -5.55 -8.19
CA GLN D 186 -5.22 -5.68 -9.64
C GLN D 186 -6.04 -6.96 -9.88
N PRO D 187 -7.36 -6.90 -9.63
CA PRO D 187 -8.18 -8.09 -9.52
C PRO D 187 -8.71 -8.61 -10.85
N CSX D 188 -9.27 -9.83 -10.82
CA CSX D 188 -9.92 -10.43 -11.99
CB CSX D 188 -10.25 -11.90 -11.79
SG CSX D 188 -8.81 -12.91 -11.38
C CSX D 188 -11.20 -9.71 -12.28
O CSX D 188 -11.89 -9.24 -11.35
OD CSX D 188 -8.44 -13.44 -12.80
N MET D 189 -11.55 -9.61 -13.55
CA MET D 189 -12.79 -8.99 -13.97
C MET D 189 -14.00 -9.81 -13.52
N ALA D 190 -14.96 -9.15 -12.87
CA ALA D 190 -16.22 -9.78 -12.44
C ALA D 190 -16.06 -10.80 -11.31
N PHE D 191 -14.96 -10.70 -10.58
CA PHE D 191 -14.68 -11.55 -9.42
C PHE D 191 -14.73 -10.71 -8.15
N SER D 192 -15.70 -9.80 -8.08
CA SER D 192 -15.75 -8.83 -7.01
C SER D 192 -15.93 -9.43 -5.61
N LEU D 193 -16.91 -10.31 -5.42
CA LEU D 193 -17.17 -10.91 -4.09
C LEU D 193 -15.99 -11.70 -3.55
N TYR D 194 -15.32 -12.44 -4.43
CA TYR D 194 -14.06 -13.11 -4.10
C TYR D 194 -13.01 -12.13 -3.62
N ASN D 195 -12.88 -11.02 -4.35
CA ASN D 195 -11.88 -10.00 -4.08
C ASN D 195 -12.08 -9.35 -2.71
N MET D 196 -13.35 -9.03 -2.40
CA MET D 196 -13.75 -8.49 -1.10
C MET D 196 -13.34 -9.41 0.05
N GLY D 197 -13.46 -10.72 -0.15
CA GLY D 197 -13.08 -11.73 0.83
C GLY D 197 -11.59 -11.78 1.04
N LYS D 198 -10.83 -11.81 -0.06
CA LYS D 198 -9.37 -11.77 0.04
C LYS D 198 -8.85 -10.47 0.69
N HIS D 199 -9.57 -9.37 0.45
CA HIS D 199 -9.27 -8.08 1.06
C HIS D 199 -9.53 -8.10 2.56
N ALA D 200 -10.58 -8.80 2.96
CA ALA D 200 -10.93 -8.98 4.37
C ALA D 200 -9.93 -9.90 5.09
N LEU D 201 -9.41 -10.88 4.36
CA LEU D 201 -8.39 -11.79 4.89
C LEU D 201 -7.12 -11.05 5.31
N VAL D 202 -6.72 -10.05 4.51
CA VAL D 202 -5.63 -9.12 4.83
C VAL D 202 -5.94 -8.33 6.12
N GLY D 203 -7.19 -7.87 6.25
CA GLY D 203 -7.63 -7.11 7.42
C GLY D 203 -7.71 -7.94 8.68
N LEU D 204 -8.09 -9.20 8.54
CA LEU D 204 -8.07 -10.15 9.64
C LEU D 204 -6.64 -10.44 10.07
N THR D 205 -5.77 -10.71 9.11
CA THR D 205 -4.35 -10.96 9.36
C THR D 205 -3.68 -9.86 10.19
N GLN D 206 -3.97 -8.60 9.86
CA GLN D 206 -3.39 -7.46 10.55
C GLN D 206 -4.04 -7.26 11.92
N SER D 207 -5.37 -7.36 11.96
CA SER D 207 -6.12 -7.24 13.22
C SER D 207 -5.72 -8.32 14.21
N ALA D 208 -5.83 -9.58 13.81
CA ALA D 208 -5.52 -10.71 14.68
C ALA D 208 -4.08 -10.66 15.19
N ALA D 209 -3.14 -10.34 14.29
CA ALA D 209 -1.74 -10.16 14.64
C ALA D 209 -1.57 -9.22 15.82
N LEU D 210 -2.29 -8.10 15.80
CA LEU D 210 -2.24 -7.06 16.82
C LEU D 210 -2.77 -7.60 18.15
N GLU D 211 -3.93 -8.24 18.12
CA GLU D 211 -4.60 -8.66 19.35
C GLU D 211 -3.97 -9.89 20.00
N LEU D 212 -3.50 -10.82 19.19
CA LEU D 212 -3.01 -12.11 19.70
C LEU D 212 -1.52 -12.12 19.98
N ALA D 213 -0.87 -10.98 19.80
CA ALA D 213 0.56 -10.84 20.10
C ALA D 213 0.92 -10.94 21.59
N PRO D 214 0.11 -10.35 22.51
CA PRO D 214 0.40 -10.51 23.94
C PRO D 214 0.31 -11.95 24.45
N TYR D 215 -0.35 -12.81 23.66
CA TYR D 215 -0.48 -14.23 23.98
C TYR D 215 0.60 -15.07 23.30
N GLY D 216 1.36 -14.46 22.40
CA GLY D 216 2.47 -15.14 21.72
C GLY D 216 2.05 -15.82 20.42
N ILE D 217 0.96 -15.33 19.84
CA ILE D 217 0.42 -15.89 18.61
C ILE D 217 0.69 -14.97 17.43
N ARG D 218 1.42 -15.50 16.45
CA ARG D 218 1.83 -14.73 15.30
C ARG D 218 0.90 -15.02 14.14
N VAL D 219 0.37 -13.95 13.54
CA VAL D 219 -0.52 -14.09 12.38
C VAL D 219 0.16 -13.45 11.19
N ASN D 220 0.31 -14.23 10.12
CA ASN D 220 0.99 -13.80 8.90
C ASN D 220 0.22 -14.32 7.69
N GLY D 221 0.63 -13.94 6.49
CA GLY D 221 -0.04 -14.40 5.28
C GLY D 221 0.92 -14.77 4.16
N VAL D 222 0.44 -15.61 3.23
CA VAL D 222 1.20 -15.98 2.05
C VAL D 222 0.32 -15.78 0.82
N ALA D 223 0.81 -14.94 -0.10
CA ALA D 223 0.03 -14.46 -1.22
C ALA D 223 0.60 -14.92 -2.58
N PRO D 224 0.09 -16.04 -3.10
CA PRO D 224 0.45 -16.48 -4.46
C PRO D 224 -0.07 -15.54 -5.53
N GLY D 225 0.65 -15.45 -6.65
CA GLY D 225 0.19 -14.70 -7.80
C GLY D 225 -0.58 -15.64 -8.68
N VAL D 226 0.14 -16.37 -9.51
CA VAL D 226 -0.43 -17.48 -10.28
C VAL D 226 0.35 -18.75 -9.96
N SER D 227 -0.36 -19.69 -9.33
CA SER D 227 0.19 -21.00 -9.02
CA SER D 227 0.19 -21.01 -9.03
C SER D 227 -0.58 -22.05 -9.84
N LEU D 228 -0.73 -23.24 -9.28
CA LEU D 228 -1.51 -24.28 -9.96
C LEU D 228 -2.80 -23.67 -10.49
N LEU D 229 -2.93 -23.67 -11.83
CA LEU D 229 -4.09 -23.09 -12.49
C LEU D 229 -5.31 -23.99 -12.30
N PRO D 230 -6.52 -23.40 -12.34
CA PRO D 230 -7.75 -24.18 -12.09
C PRO D 230 -7.81 -25.40 -12.99
N VAL D 231 -8.15 -26.55 -12.41
CA VAL D 231 -8.20 -27.84 -13.13
C VAL D 231 -9.00 -27.77 -14.44
N ALA D 232 -10.01 -26.90 -14.45
CA ALA D 232 -10.89 -26.70 -15.61
C ALA D 232 -10.31 -25.75 -16.67
N MET D 233 -9.15 -25.15 -16.38
CA MET D 233 -8.52 -24.20 -17.32
C MET D 233 -7.83 -24.93 -18.46
N GLY D 234 -8.19 -24.54 -19.69
CA GLY D 234 -7.61 -25.12 -20.89
C GLY D 234 -6.17 -24.71 -21.09
N GLU D 235 -5.40 -25.53 -21.80
CA GLU D 235 -3.98 -25.30 -22.03
C GLU D 235 -3.67 -23.97 -22.72
N GLU D 236 -4.59 -23.48 -23.55
CA GLU D 236 -4.40 -22.20 -24.24
C GLU D 236 -4.50 -21.00 -23.29
N GLU D 237 -5.42 -21.08 -22.32
CA GLU D 237 -5.61 -19.97 -21.39
C GLU D 237 -4.67 -20.07 -20.20
N LYS D 238 -4.10 -21.26 -20.01
CA LYS D 238 -3.11 -21.51 -18.97
C LYS D 238 -1.77 -20.88 -19.34
N ASP D 239 -1.39 -21.01 -20.60
CA ASP D 239 -0.09 -20.54 -21.09
C ASP D 239 -0.04 -19.02 -21.26
N LYS D 240 -1.19 -18.41 -21.55
CA LYS D 240 -1.32 -16.95 -21.65
C LYS D 240 -0.92 -16.26 -20.34
N TRP D 241 -1.33 -16.85 -19.21
CA TRP D 241 -0.98 -16.36 -17.87
C TRP D 241 0.50 -16.61 -17.54
N ARG D 242 1.04 -17.71 -18.05
CA ARG D 242 2.44 -18.08 -17.86
C ARG D 242 3.38 -17.07 -18.50
N ARG D 243 3.02 -16.62 -19.69
CA ARG D 243 3.84 -15.66 -20.46
C ARG D 243 3.93 -14.29 -19.80
N LYS D 244 3.16 -14.09 -18.75
CA LYS D 244 3.11 -12.80 -18.05
C LYS D 244 4.04 -12.75 -16.84
N VAL D 245 4.50 -13.93 -16.41
CA VAL D 245 5.34 -14.06 -15.23
C VAL D 245 6.81 -13.76 -15.54
N PRO D 246 7.33 -12.63 -14.98
CA PRO D 246 8.72 -12.20 -15.15
C PRO D 246 9.76 -13.28 -14.83
N LEU D 247 9.65 -13.88 -13.65
CA LEU D 247 10.59 -14.90 -13.19
C LEU D 247 10.26 -16.29 -13.77
N GLY D 248 10.83 -16.60 -14.93
CA GLY D 248 10.75 -17.94 -15.50
C GLY D 248 9.65 -18.22 -16.51
N ARG D 249 8.66 -17.33 -16.59
CA ARG D 249 7.49 -17.48 -17.47
C ARG D 249 6.62 -18.72 -17.18
N ARG D 250 6.45 -19.04 -15.90
CA ARG D 250 5.65 -20.17 -15.44
C ARG D 250 4.90 -19.89 -14.13
N GLU D 251 3.98 -20.77 -13.77
CA GLU D 251 3.25 -20.65 -12.52
C GLU D 251 4.07 -21.24 -11.38
N ALA D 252 3.70 -20.91 -10.15
CA ALA D 252 4.34 -21.48 -8.99
C ALA D 252 3.88 -22.93 -8.79
N SER D 253 4.83 -23.80 -8.43
CA SER D 253 4.48 -25.10 -7.90
C SER D 253 3.80 -24.86 -6.54
N ALA D 254 3.06 -25.86 -6.08
CA ALA D 254 2.42 -25.82 -4.77
C ALA D 254 3.47 -25.86 -3.68
N GLU D 255 4.57 -26.54 -3.98
CA GLU D 255 5.67 -26.74 -3.04
C GLU D 255 6.43 -25.42 -2.79
N GLN D 256 6.52 -24.61 -3.83
CA GLN D 256 7.07 -23.26 -3.70
C GLN D 256 6.24 -22.40 -2.73
N ILE D 257 4.91 -22.42 -2.89
CA ILE D 257 4.00 -21.72 -1.96
C ILE D 257 4.09 -22.30 -0.55
N ALA D 258 4.17 -23.63 -0.45
CA ALA D 258 4.29 -24.32 0.84
C ALA D 258 5.56 -23.95 1.62
N ASP D 259 6.63 -23.62 0.90
CA ASP D 259 7.90 -23.23 1.51
C ASP D 259 7.80 -21.94 2.34
N ALA D 260 6.96 -21.01 1.87
CA ALA D 260 6.73 -19.76 2.57
C ALA D 260 6.01 -19.99 3.90
N VAL D 261 5.05 -20.92 3.88
CA VAL D 261 4.31 -21.35 5.06
C VAL D 261 5.25 -21.94 6.12
N ILE D 262 6.12 -22.86 5.70
CA ILE D 262 7.11 -23.50 6.57
C ILE D 262 8.01 -22.46 7.23
N PHE D 263 8.51 -21.52 6.43
CA PHE D 263 9.33 -20.44 6.95
C PHE D 263 8.61 -19.64 8.04
N LEU D 264 7.36 -19.26 7.77
CA LEU D 264 6.58 -18.43 8.69
C LEU D 264 6.21 -19.12 10.01
N VAL D 265 6.06 -20.44 9.99
CA VAL D 265 5.79 -21.21 11.20
C VAL D 265 7.06 -21.68 11.93
N SER D 266 8.22 -21.49 11.28
CA SER D 266 9.52 -21.89 11.86
C SER D 266 10.05 -20.92 12.90
N GLY D 267 11.13 -21.30 13.58
CA GLY D 267 11.78 -20.48 14.60
C GLY D 267 12.60 -19.34 13.99
N SER D 268 12.68 -19.33 12.66
CA SER D 268 13.33 -18.27 11.91
C SER D 268 12.41 -17.07 11.71
N ALA D 269 11.15 -17.21 12.12
CA ALA D 269 10.16 -16.15 12.00
C ALA D 269 9.59 -15.71 13.35
N GLN D 270 10.33 -15.96 14.42
CA GLN D 270 9.85 -15.64 15.79
C GLN D 270 9.42 -14.18 16.02
N TYR D 271 9.89 -13.27 15.17
CA TYR D 271 9.60 -11.84 15.32
C TYR D 271 8.68 -11.31 14.22
N ILE D 272 8.23 -12.19 13.35
CA ILE D 272 7.39 -11.79 12.22
C ILE D 272 5.92 -12.09 12.54
N THR D 273 5.13 -11.01 12.66
CA THR D 273 3.66 -11.10 12.75
C THR D 273 3.00 -9.94 11.98
N GLY D 274 1.82 -10.17 11.41
CA GLY D 274 1.14 -9.17 10.58
C GLY D 274 1.75 -8.98 9.19
N SER D 275 2.73 -9.80 8.83
CA SER D 275 3.39 -9.73 7.51
C SER D 275 2.70 -10.59 6.45
N ILE D 276 2.80 -10.18 5.19
CA ILE D 276 2.23 -10.97 4.08
C ILE D 276 3.26 -11.14 2.97
N ILE D 277 3.67 -12.38 2.75
CA ILE D 277 4.72 -12.69 1.81
C ILE D 277 4.15 -13.07 0.44
N LYS D 278 4.46 -12.25 -0.56
CA LYS D 278 4.11 -12.53 -1.95
CA LYS D 278 4.12 -12.53 -1.95
C LYS D 278 5.02 -13.63 -2.51
N VAL D 279 4.43 -14.59 -3.23
CA VAL D 279 5.18 -15.63 -3.91
C VAL D 279 4.65 -15.71 -5.35
N ASP D 280 4.93 -14.67 -6.14
CA ASP D 280 4.27 -14.48 -7.43
C ASP D 280 5.17 -14.33 -8.68
N GLY D 281 6.49 -14.48 -8.51
CA GLY D 281 7.44 -14.28 -9.62
C GLY D 281 7.39 -12.89 -10.24
N GLY D 282 7.06 -11.88 -9.42
CA GLY D 282 6.98 -10.50 -9.86
C GLY D 282 5.75 -10.14 -10.67
N LEU D 283 4.79 -11.07 -10.79
CA LEU D 283 3.60 -10.89 -11.62
C LEU D 283 2.78 -9.64 -11.26
N SER D 284 2.73 -9.30 -9.97
CA SER D 284 1.96 -8.16 -9.48
C SER D 284 2.63 -6.81 -9.80
N LEU D 285 3.88 -6.87 -10.24
CA LEU D 285 4.62 -5.68 -10.67
C LEU D 285 4.39 -5.35 -12.15
N VAL D 286 3.75 -6.28 -12.88
CA VAL D 286 3.55 -6.10 -14.32
C VAL D 286 2.32 -5.23 -14.60
N HIS D 287 2.55 -4.13 -15.32
CA HIS D 287 1.48 -3.19 -15.63
C HIS D 287 0.53 -3.75 -16.68
N ALA D 288 -0.62 -3.09 -16.85
CA ALA D 288 -1.62 -3.50 -17.83
C ALA D 288 -0.95 -3.81 -19.16
PA NAP E . 6.83 16.31 -19.14
O1A NAP E . 6.14 16.92 -20.30
O2A NAP E . 7.53 15.06 -19.51
O5B NAP E . 7.86 17.33 -18.45
C5B NAP E . 7.45 18.34 -17.56
C4B NAP E . 8.39 19.54 -17.60
O4B NAP E . 9.49 19.38 -16.73
C3B NAP E . 9.00 19.83 -18.97
O3B NAP E . 8.16 20.66 -19.74
C2B NAP E . 10.33 20.48 -18.64
O2B NAP E . 10.31 21.88 -18.86
C1B NAP E . 10.56 20.19 -17.16
N9A NAP E . 11.90 19.59 -16.99
C8A NAP E . 12.38 18.47 -17.63
N7A NAP E . 13.66 18.26 -17.23
C5A NAP E . 14.01 19.24 -16.37
C6A NAP E . 15.19 19.51 -15.67
N6A NAP E . 16.26 18.71 -15.80
N1A NAP E . 15.25 20.60 -14.83
C2A NAP E . 14.14 21.43 -14.69
N3A NAP E . 12.98 21.16 -15.39
C4A NAP E . 12.91 20.08 -16.21
O3 NAP E . 5.71 16.02 -18.00
PN NAP E . 4.12 15.93 -18.14
O1N NAP E . 3.62 17.28 -18.48
O2N NAP E . 3.77 14.78 -19.03
O5D NAP E . 3.64 15.56 -16.64
C5D NAP E . 3.79 16.48 -15.58
C4D NAP E . 3.91 15.73 -14.26
O4D NAP E . 2.99 14.65 -14.21
C3D NAP E . 5.30 15.13 -14.08
O3D NAP E . 5.74 15.39 -12.76
C2D NAP E . 5.11 13.65 -14.30
O2D NAP E . 5.99 12.88 -13.51
C1D NAP E . 3.64 13.43 -13.95
N1N NAP E . 3.05 12.31 -14.72
C2N NAP E . 2.85 12.40 -16.10
C3N NAP E . 2.29 11.32 -16.78
C7N NAP E . 2.02 11.34 -18.28
O7N NAP E . 1.38 10.22 -18.85
N7N NAP E . 2.35 12.38 -19.06
C4N NAP E . 1.97 10.18 -16.06
C5N NAP E . 2.17 10.10 -14.70
C6N NAP E . 2.73 11.19 -14.02
P2B NAP E . 10.89 22.52 -20.22
O1X NAP E . 10.56 23.98 -20.23
O2X NAP E . 10.27 21.87 -21.44
O3X NAP E . 12.39 22.33 -20.29
CAG AX1 F . 4.54 6.49 -16.30
CAQ AX1 F . 3.93 5.23 -16.24
OAM AX1 F . 4.09 4.19 -15.38
CAH AX1 F . 3.63 3.05 -16.13
OAL AX1 F . 2.54 3.59 -16.90
CAP AX1 F . 2.96 4.86 -17.18
CAF AX1 F . 2.59 5.74 -18.19
CAE AX1 F . 3.21 6.99 -18.25
CAO AX1 F . 4.17 7.38 -17.31
CAS AX1 F . 4.78 8.64 -17.40
NAK AX1 F . 5.37 9.36 -16.44
CAU AX1 F . 5.84 10.52 -16.94
NAI AX1 F . 6.49 11.56 -16.37
CAN AX1 F . 6.87 12.63 -17.10
NAB AX1 F . 7.51 13.64 -16.52
NAJ AX1 F . 6.60 12.70 -18.46
CAT AX1 F . 5.92 11.65 -19.08
OAC AX1 F . 5.68 11.71 -20.28
CAV AX1 F . 5.55 10.55 -18.30
CAR AX1 F . 4.88 9.37 -18.58
CAD AX1 F . 4.39 8.97 -19.86
NAA AX1 F . 4.00 8.64 -20.88
PA NAP G . 23.46 1.53 10.94
O1A NAP G . 24.32 1.22 12.12
O2A NAP G . 22.72 2.79 11.14
O5B NAP G . 24.36 1.61 9.60
C5B NAP G . 25.00 0.45 9.13
C4B NAP G . 26.33 0.75 8.45
O4B NAP G . 26.21 1.58 7.31
C3B NAP G . 27.31 1.46 9.38
O3B NAP G . 28.01 0.51 10.15
C2B NAP G . 28.20 2.24 8.43
O2B NAP G . 29.48 1.66 8.25
C1B NAP G . 27.46 2.22 7.09
N9A NAP G . 27.40 3.61 6.62
C8A NAP G . 26.87 4.70 7.29
N7A NAP G . 27.06 5.79 6.53
C5A NAP G . 27.71 5.44 5.39
C6A NAP G . 28.14 6.17 4.29
N6A NAP G . 27.94 7.48 4.21
N1A NAP G . 28.80 5.52 3.26
C2A NAP G . 29.02 4.15 3.33
N3A NAP G . 28.57 3.44 4.43
C4A NAP G . 27.93 4.08 5.44
O3 NAP G . 22.49 0.31 10.56
PN NAP G . 21.69 -0.85 11.33
O1N NAP G . 22.60 -2.00 11.50
O2N NAP G . 21.02 -0.26 12.52
O5D NAP G . 20.58 -1.22 10.21
C5D NAP G . 20.93 -1.96 9.07
C4D NAP G . 19.91 -1.75 7.94
O4D NAP G . 18.57 -2.04 8.38
C3D NAP G . 19.95 -0.31 7.46
O3D NAP G . 19.97 -0.29 6.05
C2D NAP G . 18.65 0.29 7.97
O2D NAP G . 18.13 1.27 7.12
C1D NAP G . 17.73 -0.91 8.18
N1N NAP G . 16.87 -0.64 9.35
C2N NAP G . 17.42 -0.64 10.64
C3N NAP G . 16.58 -0.37 11.72
C7N NAP G . 17.12 -0.36 13.13
O7N NAP G . 16.24 -0.15 14.22
N7N NAP G . 18.43 -0.53 13.33
C4N NAP G . 15.24 -0.09 11.51
C5N NAP G . 14.71 -0.10 10.21
C6N NAP G . 15.54 -0.36 9.14
P2B NAP G . 30.75 2.04 9.17
O1X NAP G . 31.85 1.07 8.80
O2X NAP G . 30.41 1.93 10.64
O3X NAP G . 31.19 3.45 8.89
CAG AX1 H . 13.34 3.88 11.75
CAQ AX1 H . 12.03 3.97 12.25
OAM AX1 H . 10.89 4.49 11.71
CAH AX1 H . 10.01 4.70 12.85
OAL AX1 H . 10.41 3.69 13.79
CAP AX1 H . 11.74 3.49 13.54
CAF AX1 H . 12.74 2.92 14.30
CAE AX1 H . 14.04 2.84 13.80
CAO AX1 H . 14.35 3.32 12.53
CAS AX1 H . 15.67 3.23 12.05
NAK AX1 H . 16.11 3.25 10.79
CAU AX1 H . 17.45 3.15 10.77
NAI AX1 H . 18.33 3.11 9.74
CAN AX1 H . 19.66 3.03 9.96
NAB AX1 H . 20.51 3.00 8.94
NAJ AX1 H . 20.17 2.96 11.27
CAT AX1 H . 19.28 2.99 12.35
OAC AX1 H . 19.72 2.93 13.49
CAV AX1 H . 17.91 3.10 12.08
CAR AX1 H . 16.79 3.14 12.87
CAD AX1 H . 16.78 3.12 14.30
NAA AX1 H . 16.77 3.09 15.44
PA NAP I . -22.19 6.24 12.51
O1A NAP I . -22.95 7.43 13.00
O2A NAP I . -21.48 5.57 13.63
O5B NAP I . -23.17 5.26 11.72
C5B NAP I . -23.78 5.72 10.54
C4B NAP I . -25.24 5.28 10.43
O4B NAP I . -25.34 3.91 10.10
C3B NAP I . -26.06 5.46 11.70
O3B NAP I . -26.60 6.76 11.78
C2B NAP I . -27.12 4.37 11.58
O2B NAP I . -28.41 4.89 11.28
C1B NAP I . -26.64 3.48 10.44
N9A NAP I . -26.68 2.05 10.81
C8A NAP I . -26.11 1.47 11.92
N7A NAP I . -26.38 0.14 11.89
C5A NAP I . -27.11 -0.13 10.79
C6A NAP I . -27.63 -1.33 10.29
N6A NAP I . -27.44 -2.47 10.95
N1A NAP I . -28.36 -1.32 9.11
C2A NAP I . -28.54 -0.11 8.44
N3A NAP I . -28.02 1.06 8.94
C4A NAP I . -27.31 1.05 10.10
O3 NAP I . -21.15 6.69 11.38
PN NAP I . -20.39 8.09 11.22
O1N NAP I . -21.42 9.09 10.90
O2N NAP I . -19.55 8.29 12.44
O5D NAP I . -19.47 7.79 9.93
C5D NAP I . -20.03 7.59 8.64
C4D NAP I . -19.13 6.73 7.75
O4D NAP I . -17.78 7.17 7.87
C3D NAP I . -19.14 5.26 8.16
O3D NAP I . -18.99 4.37 7.05
C2D NAP I . -17.92 5.18 9.07
O2D NAP I . -17.44 3.88 9.21
C1D NAP I . -16.95 6.13 8.35
N1N NAP I . -15.93 6.60 9.30
C2N NAP I . -16.27 7.46 10.31
C3N NAP I . -15.30 7.90 11.21
C7N NAP I . -15.67 8.85 12.33
O7N NAP I . -14.67 9.30 13.19
N7N NAP I . -16.93 9.25 12.47
C4N NAP I . -14.00 7.44 11.07
C5N NAP I . -13.66 6.55 10.05
C6N NAP I . -14.65 6.14 9.16
P2B NAP I . -29.58 4.85 12.38
O1X NAP I . -29.18 5.67 13.59
O2X NAP I . -29.80 3.42 12.82
O3X NAP I . -30.84 5.39 11.76
CAG AX1 J . -11.95 4.12 13.34
CAQ AX1 J . -10.57 4.15 13.54
OAM AX1 J . -9.59 3.25 13.23
CAH AX1 J . -8.51 3.62 14.10
OAL AX1 J . -8.63 5.05 14.20
CAP AX1 J . -9.97 5.26 14.13
CAF AX1 J . -10.75 6.34 14.55
CAE AX1 J . -12.13 6.30 14.35
CAO AX1 J . -12.74 5.19 13.74
CAS AX1 J . -14.13 5.13 13.55
NAK AX1 J . -14.78 4.42 12.63
CAU AX1 J . -16.10 4.58 12.78
NAI AX1 J . -17.13 4.08 12.08
CAN AX1 J . -18.41 4.37 12.38
NAB AX1 J . -19.41 3.83 11.67
NAJ AX1 J . -18.70 5.21 13.46
CAT AX1 J . -17.64 5.77 14.20
OAC AX1 J . -17.89 6.51 15.15
CAV AX1 J . -16.33 5.44 13.86
CAR AX1 J . -15.07 5.77 14.35
CAD AX1 J . -14.79 6.64 15.46
NAA AX1 J . -14.53 7.32 16.35
PA NAP K . -8.58 -24.36 -4.56
O1A NAP K . -8.16 -25.69 -5.01
O2A NAP K . -9.55 -23.77 -5.51
O5B NAP K . -9.26 -24.44 -3.09
C5B NAP K . -8.65 -25.13 -2.03
C4B NAP K . -9.65 -26.04 -1.29
O4B NAP K . -10.67 -25.33 -0.61
C3B NAP K . -10.36 -27.06 -2.17
O3B NAP K . -9.62 -28.25 -2.28
C2B NAP K . -11.70 -27.28 -1.47
O2B NAP K . -11.74 -28.56 -0.88
C1B NAP K . -11.77 -26.19 -0.39
N9A NAP K . -13.09 -25.51 -0.47
C8A NAP K . -13.63 -24.89 -1.57
N7A NAP K . -14.86 -24.43 -1.26
C5A NAP K . -15.13 -24.75 0.02
C6A NAP K . -16.24 -24.52 0.84
N6A NAP K . -17.29 -23.87 0.36
N1A NAP K . -16.25 -24.98 2.15
C2A NAP K . -15.15 -25.66 2.64
N3A NAP K . -14.05 -25.88 1.82
C4A NAP K . -14.03 -25.44 0.54
O3 NAP K . -7.30 -23.39 -4.32
PN NAP K . -5.72 -23.54 -4.59
O1N NAP K . -5.21 -24.82 -4.04
O2N NAP K . -5.50 -23.22 -6.01
O5D NAP K . -5.10 -22.34 -3.70
C5D NAP K . -4.94 -22.47 -2.30
C4D NAP K . -4.98 -21.09 -1.61
O4D NAP K . -4.07 -20.20 -2.23
C3D NAP K . -6.36 -20.46 -1.70
O3D NAP K . -6.68 -19.80 -0.49
C2D NAP K . -6.22 -19.48 -2.82
O2D NAP K . -7.10 -18.38 -2.73
C1D NAP K . -4.76 -19.07 -2.75
N1N NAP K . -4.30 -18.66 -4.10
C2N NAP K . -4.20 -19.58 -5.13
C3N NAP K . -3.79 -19.16 -6.40
C7N NAP K . -3.67 -20.15 -7.53
O7N NAP K . -3.05 -19.74 -8.73
N7N NAP K . -4.15 -21.39 -7.40
C4N NAP K . -3.49 -17.82 -6.62
C5N NAP K . -3.61 -16.89 -5.57
C6N NAP K . -4.02 -17.33 -4.31
P2B NAP K . -12.81 -29.69 -1.31
O1X NAP K . -12.50 -30.89 -0.45
O2X NAP K . -12.69 -30.09 -2.77
O3X NAP K . -14.20 -29.20 -1.04
CAG AX1 L . -6.51 -14.89 -8.86
CAQ AX1 L . -5.95 -13.83 -9.58
OAM AX1 L . -6.29 -12.51 -9.66
CAH AX1 L . -5.62 -12.04 -10.85
OAL AX1 L . -4.47 -12.89 -10.99
CAP AX1 L . -4.83 -14.06 -10.39
CAF AX1 L . -4.29 -15.33 -10.47
CAE AX1 L . -4.85 -16.39 -9.75
CAO AX1 L . -5.97 -16.18 -8.94
CAS AX1 L . -6.54 -17.23 -8.22
NAK AX1 L . -6.95 -17.23 -6.95
CAU AX1 L . -7.43 -18.43 -6.61
NAI AX1 L . -7.96 -18.89 -5.47
CAN AX1 L . -8.41 -20.16 -5.35
NAB AX1 L . -8.92 -20.56 -4.20
NAJ AX1 L . -8.33 -21.05 -6.43
CAT AX1 L . -7.80 -20.59 -7.64
OAC AX1 L . -7.72 -21.36 -8.60
CAV AX1 L . -7.35 -19.27 -7.72
CAR AX1 L . -6.77 -18.51 -8.72
CAD AX1 L . -6.49 -18.96 -10.05
NAA AX1 L . -6.25 -19.30 -11.11
#